data_1NTJ
# 
_entry.id   1NTJ 
# 
_audit_conform.dict_name       mmcif_pdbx.dic 
_audit_conform.dict_version    5.386 
_audit_conform.dict_location   http://mmcif.pdb.org/dictionaries/ascii/mmcif_pdbx.dic 
# 
loop_
_database_2.database_id 
_database_2.database_code 
_database_2.pdbx_database_accession 
_database_2.pdbx_DOI 
PDB   1NTJ         pdb_00001ntj 10.2210/pdb1ntj/pdb 
RCSB  RCSB018189   ?            ?                   
WWPDB D_1000018189 ?            ?                   
# 
loop_
_pdbx_audit_revision_history.ordinal 
_pdbx_audit_revision_history.data_content_type 
_pdbx_audit_revision_history.major_revision 
_pdbx_audit_revision_history.minor_revision 
_pdbx_audit_revision_history.revision_date 
1 'Structure model' 1 0 2004-02-03 
2 'Structure model' 1 1 2008-04-29 
3 'Structure model' 1 2 2011-07-13 
4 'Structure model' 1 3 2017-10-11 
5 'Structure model' 1 4 2018-06-13 
6 'Structure model' 1 5 2019-07-17 
7 'Structure model' 1 6 2024-02-14 
# 
_pdbx_audit_revision_details.ordinal             1 
_pdbx_audit_revision_details.revision_ordinal    1 
_pdbx_audit_revision_details.data_content_type   'Structure model' 
_pdbx_audit_revision_details.provider            repository 
_pdbx_audit_revision_details.type                'Initial release' 
_pdbx_audit_revision_details.description         ? 
_pdbx_audit_revision_details.details             ? 
# 
loop_
_pdbx_audit_revision_group.ordinal 
_pdbx_audit_revision_group.revision_ordinal 
_pdbx_audit_revision_group.data_content_type 
_pdbx_audit_revision_group.group 
1 2 'Structure model' 'Version format compliance' 
2 3 'Structure model' 'Version format compliance' 
3 4 'Structure model' 'Refinement description'    
4 5 'Structure model' 'Data collection'           
5 6 'Structure model' 'Data collection'           
6 7 'Structure model' 'Data collection'           
7 7 'Structure model' 'Database references'       
# 
loop_
_pdbx_audit_revision_category.ordinal 
_pdbx_audit_revision_category.revision_ordinal 
_pdbx_audit_revision_category.data_content_type 
_pdbx_audit_revision_category.category 
1 4 'Structure model' software         
2 5 'Structure model' diffrn_radiation 
3 6 'Structure model' diffrn_source    
4 7 'Structure model' chem_comp_atom   
5 7 'Structure model' chem_comp_bond   
6 7 'Structure model' database_2       
# 
loop_
_pdbx_audit_revision_item.ordinal 
_pdbx_audit_revision_item.revision_ordinal 
_pdbx_audit_revision_item.data_content_type 
_pdbx_audit_revision_item.item 
1 5 'Structure model' '_diffrn_radiation.pdbx_diffrn_protocol'           
2 5 'Structure model' '_diffrn_radiation.pdbx_monochromatic_or_laue_m_l' 
3 5 'Structure model' '_diffrn_radiation.pdbx_scattering_type'           
4 6 'Structure model' '_diffrn_source.type'                              
5 7 'Structure model' '_database_2.pdbx_DOI'                             
6 7 'Structure model' '_database_2.pdbx_database_accession'              
# 
_pdbx_database_status.status_code                     REL 
_pdbx_database_status.entry_id                        1NTJ 
_pdbx_database_status.recvd_initial_deposition_date   2003-01-30 
_pdbx_database_status.deposit_site                    RCSB 
_pdbx_database_status.process_site                    RCSB 
_pdbx_database_status.SG_entry                        . 
_pdbx_database_status.status_code_sf                  ? 
_pdbx_database_status.status_code_mr                  ? 
_pdbx_database_status.pdb_format_compatible           Y 
_pdbx_database_status.status_code_cs                  ? 
_pdbx_database_status.methods_development_category    ? 
_pdbx_database_status.status_code_nmr_data            ? 
# 
loop_
_pdbx_database_related.db_name 
_pdbx_database_related.db_id 
_pdbx_database_related.details 
_pdbx_database_related.content_type 
PDB 1qub 'b2 glycoprotein I was used as a template for three SCR domains'              unspecified 
PDB 1gkg 'complement receptor type 1 SCR-17 was used as a template for one SCR domain' unspecified 
PDB 1vvc 'vaccinia coat protein SCR-4 was used as a template for one SCR domain'       unspecified 
# 
loop_
_audit_author.name 
_audit_author.pdbx_ordinal 
'Aslam, M.'       1 
'Guthridge, J.M.' 2 
'Hack, B.K.'      3 
'Quigg, R.J.'     4 
'Holers, V.M.'    5 
'Perkins, S.J.'   6 
# 
_citation.id                        primary 
_citation.title                     
;The Extended Multidomain Solution Structures of the Complement Protein   
Crry and its Chimeric Conjugate Crry-Ig by Scattering, Analytical   
Ultracentrifugation and Constrained Modelling: Implications for Function and   
Therapy
;
_citation.journal_abbrev            J.Mol.Biol. 
_citation.journal_volume            329 
_citation.page_first                525 
_citation.page_last                 550 
_citation.year                      2003 
_citation.journal_id_ASTM           JMOBAK 
_citation.country                   UK 
_citation.journal_id_ISSN           0022-2836 
_citation.journal_id_CSD            0070 
_citation.book_publisher            ? 
_citation.pdbx_database_id_PubMed   12767833 
_citation.pdbx_database_id_DOI      '10.1016/S0022-2836(03)00492-3' 
# 
loop_
_citation_author.citation_id 
_citation_author.name 
_citation_author.ordinal 
_citation_author.identifier_ORCID 
primary 'Aslam, M.'       1 ? 
primary 'Guthridge, J.M.' 2 ? 
primary 'Hack, B.K.'      3 ? 
primary 'Quigg, R.J.'     4 ? 
primary 'Holers, V.M.'    5 ? 
primary 'Perkins, S.J.'   6 ? 
# 
_entity.id                         1 
_entity.type                       polymer 
_entity.src_method                 man 
_entity.pdbx_description           'complement receptor related protein' 
_entity.formula_weight             35274.980 
_entity.pdbx_number_of_molecules   1 
_entity.pdbx_ec                    ? 
_entity.pdbx_mutation              ? 
_entity.pdbx_fragment              'SCR-1 TO SCR-5' 
_entity.details                    ? 
# 
_entity_poly.entity_id                      1 
_entity_poly.type                           'polypeptide(L)' 
_entity_poly.nstd_linkage                   no 
_entity_poly.nstd_monomer                   no 
_entity_poly.pdbx_seq_one_letter_code       
;TLGQCPAPPLFPYAKPINPTDESTFPVGTSLKYECRPGYIKRQFSITCEVNSVWTSPQDVCIRKQCETPLDPQNGIVHVN
TDIRFGSSITYTCNEGYRLIGSSSAMCIISDQSVAWDAEAPICESIPCEIPPSIPNGDFFSPNREDFHYGMVVTYQCNTD
ARGKKLFNLVGEPSIHCTSIDGQVGVWSGPPPQCIELNKCTPPHVENAVIVSKNKSLFSLRDMVEFRCQDGFMMKGDSSV
YCRSLNRWEPQLPSCFKVKSCGAFLGELPNGHVFVPQNLQLGAKVTFVCNTGYQLKGNSSSHCVLDGVESIWNSSVPVCE
;
_entity_poly.pdbx_seq_one_letter_code_can   
;TLGQCPAPPLFPYAKPINPTDESTFPVGTSLKYECRPGYIKRQFSITCEVNSVWTSPQDVCIRKQCETPLDPQNGIVHVN
TDIRFGSSITYTCNEGYRLIGSSSAMCIISDQSVAWDAEAPICESIPCEIPPSIPNGDFFSPNREDFHYGMVVTYQCNTD
ARGKKLFNLVGEPSIHCTSIDGQVGVWSGPPPQCIELNKCTPPHVENAVIVSKNKSLFSLRDMVEFRCQDGFMMKGDSSV
YCRSLNRWEPQLPSCFKVKSCGAFLGELPNGHVFVPQNLQLGAKVTFVCNTGYQLKGNSSSHCVLDGVESIWNSSVPVCE
;
_entity_poly.pdbx_strand_id                 A 
_entity_poly.pdbx_target_identifier         ? 
# 
loop_
_entity_poly_seq.entity_id 
_entity_poly_seq.num 
_entity_poly_seq.mon_id 
_entity_poly_seq.hetero 
1 1   THR n 
1 2   LEU n 
1 3   GLY n 
1 4   GLN n 
1 5   CYS n 
1 6   PRO n 
1 7   ALA n 
1 8   PRO n 
1 9   PRO n 
1 10  LEU n 
1 11  PHE n 
1 12  PRO n 
1 13  TYR n 
1 14  ALA n 
1 15  LYS n 
1 16  PRO n 
1 17  ILE n 
1 18  ASN n 
1 19  PRO n 
1 20  THR n 
1 21  ASP n 
1 22  GLU n 
1 23  SER n 
1 24  THR n 
1 25  PHE n 
1 26  PRO n 
1 27  VAL n 
1 28  GLY n 
1 29  THR n 
1 30  SER n 
1 31  LEU n 
1 32  LYS n 
1 33  TYR n 
1 34  GLU n 
1 35  CYS n 
1 36  ARG n 
1 37  PRO n 
1 38  GLY n 
1 39  TYR n 
1 40  ILE n 
1 41  LYS n 
1 42  ARG n 
1 43  GLN n 
1 44  PHE n 
1 45  SER n 
1 46  ILE n 
1 47  THR n 
1 48  CYS n 
1 49  GLU n 
1 50  VAL n 
1 51  ASN n 
1 52  SER n 
1 53  VAL n 
1 54  TRP n 
1 55  THR n 
1 56  SER n 
1 57  PRO n 
1 58  GLN n 
1 59  ASP n 
1 60  VAL n 
1 61  CYS n 
1 62  ILE n 
1 63  ARG n 
1 64  LYS n 
1 65  GLN n 
1 66  CYS n 
1 67  GLU n 
1 68  THR n 
1 69  PRO n 
1 70  LEU n 
1 71  ASP n 
1 72  PRO n 
1 73  GLN n 
1 74  ASN n 
1 75  GLY n 
1 76  ILE n 
1 77  VAL n 
1 78  HIS n 
1 79  VAL n 
1 80  ASN n 
1 81  THR n 
1 82  ASP n 
1 83  ILE n 
1 84  ARG n 
1 85  PHE n 
1 86  GLY n 
1 87  SER n 
1 88  SER n 
1 89  ILE n 
1 90  THR n 
1 91  TYR n 
1 92  THR n 
1 93  CYS n 
1 94  ASN n 
1 95  GLU n 
1 96  GLY n 
1 97  TYR n 
1 98  ARG n 
1 99  LEU n 
1 100 ILE n 
1 101 GLY n 
1 102 SER n 
1 103 SER n 
1 104 SER n 
1 105 ALA n 
1 106 MET n 
1 107 CYS n 
1 108 ILE n 
1 109 ILE n 
1 110 SER n 
1 111 ASP n 
1 112 GLN n 
1 113 SER n 
1 114 VAL n 
1 115 ALA n 
1 116 TRP n 
1 117 ASP n 
1 118 ALA n 
1 119 GLU n 
1 120 ALA n 
1 121 PRO n 
1 122 ILE n 
1 123 CYS n 
1 124 GLU n 
1 125 SER n 
1 126 ILE n 
1 127 PRO n 
1 128 CYS n 
1 129 GLU n 
1 130 ILE n 
1 131 PRO n 
1 132 PRO n 
1 133 SER n 
1 134 ILE n 
1 135 PRO n 
1 136 ASN n 
1 137 GLY n 
1 138 ASP n 
1 139 PHE n 
1 140 PHE n 
1 141 SER n 
1 142 PRO n 
1 143 ASN n 
1 144 ARG n 
1 145 GLU n 
1 146 ASP n 
1 147 PHE n 
1 148 HIS n 
1 149 TYR n 
1 150 GLY n 
1 151 MET n 
1 152 VAL n 
1 153 VAL n 
1 154 THR n 
1 155 TYR n 
1 156 GLN n 
1 157 CYS n 
1 158 ASN n 
1 159 THR n 
1 160 ASP n 
1 161 ALA n 
1 162 ARG n 
1 163 GLY n 
1 164 LYS n 
1 165 LYS n 
1 166 LEU n 
1 167 PHE n 
1 168 ASN n 
1 169 LEU n 
1 170 VAL n 
1 171 GLY n 
1 172 GLU n 
1 173 PRO n 
1 174 SER n 
1 175 ILE n 
1 176 HIS n 
1 177 CYS n 
1 178 THR n 
1 179 SER n 
1 180 ILE n 
1 181 ASP n 
1 182 GLY n 
1 183 GLN n 
1 184 VAL n 
1 185 GLY n 
1 186 VAL n 
1 187 TRP n 
1 188 SER n 
1 189 GLY n 
1 190 PRO n 
1 191 PRO n 
1 192 PRO n 
1 193 GLN n 
1 194 CYS n 
1 195 ILE n 
1 196 GLU n 
1 197 LEU n 
1 198 ASN n 
1 199 LYS n 
1 200 CYS n 
1 201 THR n 
1 202 PRO n 
1 203 PRO n 
1 204 HIS n 
1 205 VAL n 
1 206 GLU n 
1 207 ASN n 
1 208 ALA n 
1 209 VAL n 
1 210 ILE n 
1 211 VAL n 
1 212 SER n 
1 213 LYS n 
1 214 ASN n 
1 215 LYS n 
1 216 SER n 
1 217 LEU n 
1 218 PHE n 
1 219 SER n 
1 220 LEU n 
1 221 ARG n 
1 222 ASP n 
1 223 MET n 
1 224 VAL n 
1 225 GLU n 
1 226 PHE n 
1 227 ARG n 
1 228 CYS n 
1 229 GLN n 
1 230 ASP n 
1 231 GLY n 
1 232 PHE n 
1 233 MET n 
1 234 MET n 
1 235 LYS n 
1 236 GLY n 
1 237 ASP n 
1 238 SER n 
1 239 SER n 
1 240 VAL n 
1 241 TYR n 
1 242 CYS n 
1 243 ARG n 
1 244 SER n 
1 245 LEU n 
1 246 ASN n 
1 247 ARG n 
1 248 TRP n 
1 249 GLU n 
1 250 PRO n 
1 251 GLN n 
1 252 LEU n 
1 253 PRO n 
1 254 SER n 
1 255 CYS n 
1 256 PHE n 
1 257 LYS n 
1 258 VAL n 
1 259 LYS n 
1 260 SER n 
1 261 CYS n 
1 262 GLY n 
1 263 ALA n 
1 264 PHE n 
1 265 LEU n 
1 266 GLY n 
1 267 GLU n 
1 268 LEU n 
1 269 PRO n 
1 270 ASN n 
1 271 GLY n 
1 272 HIS n 
1 273 VAL n 
1 274 PHE n 
1 275 VAL n 
1 276 PRO n 
1 277 GLN n 
1 278 ASN n 
1 279 LEU n 
1 280 GLN n 
1 281 LEU n 
1 282 GLY n 
1 283 ALA n 
1 284 LYS n 
1 285 VAL n 
1 286 THR n 
1 287 PHE n 
1 288 VAL n 
1 289 CYS n 
1 290 ASN n 
1 291 THR n 
1 292 GLY n 
1 293 TYR n 
1 294 GLN n 
1 295 LEU n 
1 296 LYS n 
1 297 GLY n 
1 298 ASN n 
1 299 SER n 
1 300 SER n 
1 301 SER n 
1 302 HIS n 
1 303 CYS n 
1 304 VAL n 
1 305 LEU n 
1 306 ASP n 
1 307 GLY n 
1 308 VAL n 
1 309 GLU n 
1 310 SER n 
1 311 ILE n 
1 312 TRP n 
1 313 ASN n 
1 314 SER n 
1 315 SER n 
1 316 VAL n 
1 317 PRO n 
1 318 VAL n 
1 319 CYS n 
1 320 GLU n 
# 
_entity_src_gen.entity_id                          1 
_entity_src_gen.pdbx_src_id                        1 
_entity_src_gen.pdbx_alt_source_flag               sample 
_entity_src_gen.pdbx_seq_type                      ? 
_entity_src_gen.pdbx_beg_seq_num                   ? 
_entity_src_gen.pdbx_end_seq_num                   ? 
_entity_src_gen.gene_src_common_name               'Norway rat' 
_entity_src_gen.gene_src_genus                     Rattus 
_entity_src_gen.pdbx_gene_src_gene                 ? 
_entity_src_gen.gene_src_species                   ? 
_entity_src_gen.gene_src_strain                    ? 
_entity_src_gen.gene_src_tissue                    ? 
_entity_src_gen.gene_src_tissue_fraction           ? 
_entity_src_gen.gene_src_details                   ? 
_entity_src_gen.pdbx_gene_src_fragment             ? 
_entity_src_gen.pdbx_gene_src_scientific_name      'Rattus norvegicus' 
_entity_src_gen.pdbx_gene_src_ncbi_taxonomy_id     10116 
_entity_src_gen.pdbx_gene_src_variant              ? 
_entity_src_gen.pdbx_gene_src_cell_line            ? 
_entity_src_gen.pdbx_gene_src_atcc                 ? 
_entity_src_gen.pdbx_gene_src_organ                ? 
_entity_src_gen.pdbx_gene_src_organelle            ? 
_entity_src_gen.pdbx_gene_src_cell                 ? 
_entity_src_gen.pdbx_gene_src_cellular_location    ? 
_entity_src_gen.host_org_common_name               ? 
_entity_src_gen.pdbx_host_org_scientific_name      'Pichia pastoris' 
_entity_src_gen.pdbx_host_org_ncbi_taxonomy_id     4922 
_entity_src_gen.host_org_genus                     Pichia 
_entity_src_gen.pdbx_host_org_gene                 ? 
_entity_src_gen.pdbx_host_org_organ                ? 
_entity_src_gen.host_org_species                   ? 
_entity_src_gen.pdbx_host_org_tissue               ? 
_entity_src_gen.pdbx_host_org_tissue_fraction      ? 
_entity_src_gen.pdbx_host_org_strain               ? 
_entity_src_gen.pdbx_host_org_variant              ? 
_entity_src_gen.pdbx_host_org_cell_line            ? 
_entity_src_gen.pdbx_host_org_atcc                 ? 
_entity_src_gen.pdbx_host_org_culture_collection   ? 
_entity_src_gen.pdbx_host_org_cell                 ? 
_entity_src_gen.pdbx_host_org_organelle            ? 
_entity_src_gen.pdbx_host_org_cellular_location    ? 
_entity_src_gen.pdbx_host_org_vector_type          ? 
_entity_src_gen.pdbx_host_org_vector               ? 
_entity_src_gen.host_org_details                   ? 
_entity_src_gen.expression_system_id               ? 
_entity_src_gen.plasmid_name                       ? 
_entity_src_gen.plasmid_details                    ? 
_entity_src_gen.pdbx_description                   ? 
# 
loop_
_chem_comp.id 
_chem_comp.type 
_chem_comp.mon_nstd_flag 
_chem_comp.name 
_chem_comp.pdbx_synonyms 
_chem_comp.formula 
_chem_comp.formula_weight 
ALA 'L-peptide linking' y ALANINE         ? 'C3 H7 N O2'     89.093  
ARG 'L-peptide linking' y ARGININE        ? 'C6 H15 N4 O2 1' 175.209 
ASN 'L-peptide linking' y ASPARAGINE      ? 'C4 H8 N2 O3'    132.118 
ASP 'L-peptide linking' y 'ASPARTIC ACID' ? 'C4 H7 N O4'     133.103 
CYS 'L-peptide linking' y CYSTEINE        ? 'C3 H7 N O2 S'   121.158 
GLN 'L-peptide linking' y GLUTAMINE       ? 'C5 H10 N2 O3'   146.144 
GLU 'L-peptide linking' y 'GLUTAMIC ACID' ? 'C5 H9 N O4'     147.129 
GLY 'peptide linking'   y GLYCINE         ? 'C2 H5 N O2'     75.067  
HIS 'L-peptide linking' y HISTIDINE       ? 'C6 H10 N3 O2 1' 156.162 
ILE 'L-peptide linking' y ISOLEUCINE      ? 'C6 H13 N O2'    131.173 
LEU 'L-peptide linking' y LEUCINE         ? 'C6 H13 N O2'    131.173 
LYS 'L-peptide linking' y LYSINE          ? 'C6 H15 N2 O2 1' 147.195 
MET 'L-peptide linking' y METHIONINE      ? 'C5 H11 N O2 S'  149.211 
PHE 'L-peptide linking' y PHENYLALANINE   ? 'C9 H11 N O2'    165.189 
PRO 'L-peptide linking' y PROLINE         ? 'C5 H9 N O2'     115.130 
SER 'L-peptide linking' y SERINE          ? 'C3 H7 N O3'     105.093 
THR 'L-peptide linking' y THREONINE       ? 'C4 H9 N O3'     119.119 
TRP 'L-peptide linking' y TRYPTOPHAN      ? 'C11 H12 N2 O2'  204.225 
TYR 'L-peptide linking' y TYROSINE        ? 'C9 H11 N O3'    181.189 
VAL 'L-peptide linking' y VALINE          ? 'C5 H11 N O2'    117.146 
# 
loop_
_pdbx_poly_seq_scheme.asym_id 
_pdbx_poly_seq_scheme.entity_id 
_pdbx_poly_seq_scheme.seq_id 
_pdbx_poly_seq_scheme.mon_id 
_pdbx_poly_seq_scheme.ndb_seq_num 
_pdbx_poly_seq_scheme.pdb_seq_num 
_pdbx_poly_seq_scheme.auth_seq_num 
_pdbx_poly_seq_scheme.pdb_mon_id 
_pdbx_poly_seq_scheme.auth_mon_id 
_pdbx_poly_seq_scheme.pdb_strand_id 
_pdbx_poly_seq_scheme.pdb_ins_code 
_pdbx_poly_seq_scheme.hetero 
A 1 1   THR 1   1   1   THR THR A . n 
A 1 2   LEU 2   2   2   LEU LEU A . n 
A 1 3   GLY 3   3   3   GLY GLY A . n 
A 1 4   GLN 4   4   4   GLN GLN A . n 
A 1 5   CYS 5   5   5   CYS CYS A . n 
A 1 6   PRO 6   6   6   PRO PRO A . n 
A 1 7   ALA 7   7   7   ALA ALA A . n 
A 1 8   PRO 8   8   8   PRO PRO A . n 
A 1 9   PRO 9   9   9   PRO PRO A . n 
A 1 10  LEU 10  10  10  LEU LEU A . n 
A 1 11  PHE 11  11  11  PHE PHE A . n 
A 1 12  PRO 12  12  12  PRO PRO A . n 
A 1 13  TYR 13  13  13  TYR TYR A . n 
A 1 14  ALA 14  14  14  ALA ALA A . n 
A 1 15  LYS 15  15  15  LYS LYS A . n 
A 1 16  PRO 16  16  16  PRO PRO A . n 
A 1 17  ILE 17  17  17  ILE ILE A . n 
A 1 18  ASN 18  18  18  ASN ASN A . n 
A 1 19  PRO 19  19  19  PRO PRO A . n 
A 1 20  THR 20  20  20  THR THR A . n 
A 1 21  ASP 21  21  21  ASP ASP A . n 
A 1 22  GLU 22  22  22  GLU GLU A . n 
A 1 23  SER 23  23  23  SER SER A . n 
A 1 24  THR 24  24  24  THR THR A . n 
A 1 25  PHE 25  25  25  PHE PHE A . n 
A 1 26  PRO 26  26  26  PRO PRO A . n 
A 1 27  VAL 27  27  27  VAL VAL A . n 
A 1 28  GLY 28  28  28  GLY GLY A . n 
A 1 29  THR 29  29  29  THR THR A . n 
A 1 30  SER 30  30  30  SER SER A . n 
A 1 31  LEU 31  31  31  LEU LEU A . n 
A 1 32  LYS 32  32  32  LYS LYS A . n 
A 1 33  TYR 33  33  33  TYR TYR A . n 
A 1 34  GLU 34  34  34  GLU GLU A . n 
A 1 35  CYS 35  35  35  CYS CYS A . n 
A 1 36  ARG 36  36  36  ARG ARG A . n 
A 1 37  PRO 37  37  37  PRO PRO A . n 
A 1 38  GLY 38  38  38  GLY GLY A . n 
A 1 39  TYR 39  39  39  TYR TYR A . n 
A 1 40  ILE 40  40  40  ILE ILE A . n 
A 1 41  LYS 41  41  41  LYS LYS A . n 
A 1 42  ARG 42  42  42  ARG ARG A . n 
A 1 43  GLN 43  43  43  GLN GLN A . n 
A 1 44  PHE 44  44  44  PHE PHE A . n 
A 1 45  SER 45  45  45  SER SER A . n 
A 1 46  ILE 46  46  46  ILE ILE A . n 
A 1 47  THR 47  47  47  THR THR A . n 
A 1 48  CYS 48  48  48  CYS CYS A . n 
A 1 49  GLU 49  49  49  GLU GLU A . n 
A 1 50  VAL 50  50  50  VAL VAL A . n 
A 1 51  ASN 51  51  51  ASN ASN A . n 
A 1 52  SER 52  52  52  SER SER A . n 
A 1 53  VAL 53  53  53  VAL VAL A . n 
A 1 54  TRP 54  54  54  TRP TRP A . n 
A 1 55  THR 55  55  55  THR THR A . n 
A 1 56  SER 56  56  56  SER SER A . n 
A 1 57  PRO 57  57  57  PRO PRO A . n 
A 1 58  GLN 58  58  58  GLN GLN A . n 
A 1 59  ASP 59  59  59  ASP ASP A . n 
A 1 60  VAL 60  60  60  VAL VAL A . n 
A 1 61  CYS 61  61  61  CYS CYS A . n 
A 1 62  ILE 62  62  62  ILE ILE A . n 
A 1 63  ARG 63  63  63  ARG ARG A . n 
A 1 64  LYS 64  64  64  LYS LYS A . n 
A 1 65  GLN 65  65  65  GLN GLN A . n 
A 1 66  CYS 66  66  66  CYS CYS A . n 
A 1 67  GLU 67  67  67  GLU GLU A . n 
A 1 68  THR 68  68  68  THR THR A . n 
A 1 69  PRO 69  69  69  PRO PRO A . n 
A 1 70  LEU 70  70  70  LEU LEU A . n 
A 1 71  ASP 71  71  71  ASP ASP A . n 
A 1 72  PRO 72  72  72  PRO PRO A . n 
A 1 73  GLN 73  73  73  GLN GLN A . n 
A 1 74  ASN 74  74  74  ASN ASN A . n 
A 1 75  GLY 75  75  75  GLY GLY A . n 
A 1 76  ILE 76  76  76  ILE ILE A . n 
A 1 77  VAL 77  77  77  VAL VAL A . n 
A 1 78  HIS 78  78  78  HIS HIS A . n 
A 1 79  VAL 79  79  79  VAL VAL A . n 
A 1 80  ASN 80  80  80  ASN ASN A . n 
A 1 81  THR 81  81  81  THR THR A . n 
A 1 82  ASP 82  82  82  ASP ASP A . n 
A 1 83  ILE 83  83  83  ILE ILE A . n 
A 1 84  ARG 84  84  84  ARG ARG A . n 
A 1 85  PHE 85  85  85  PHE PHE A . n 
A 1 86  GLY 86  86  86  GLY GLY A . n 
A 1 87  SER 87  87  87  SER SER A . n 
A 1 88  SER 88  88  88  SER SER A . n 
A 1 89  ILE 89  89  89  ILE ILE A . n 
A 1 90  THR 90  90  90  THR THR A . n 
A 1 91  TYR 91  91  91  TYR TYR A . n 
A 1 92  THR 92  92  92  THR THR A . n 
A 1 93  CYS 93  93  93  CYS CYS A . n 
A 1 94  ASN 94  94  94  ASN ASN A . n 
A 1 95  GLU 95  95  95  GLU GLU A . n 
A 1 96  GLY 96  96  96  GLY GLY A . n 
A 1 97  TYR 97  97  97  TYR TYR A . n 
A 1 98  ARG 98  98  98  ARG ARG A . n 
A 1 99  LEU 99  99  99  LEU LEU A . n 
A 1 100 ILE 100 100 100 ILE ILE A . n 
A 1 101 GLY 101 101 101 GLY GLY A . n 
A 1 102 SER 102 102 102 SER SER A . n 
A 1 103 SER 103 103 103 SER SER A . n 
A 1 104 SER 104 104 104 SER SER A . n 
A 1 105 ALA 105 105 105 ALA ALA A . n 
A 1 106 MET 106 106 106 MET MET A . n 
A 1 107 CYS 107 107 107 CYS CYS A . n 
A 1 108 ILE 108 108 108 ILE ILE A . n 
A 1 109 ILE 109 109 109 ILE ILE A . n 
A 1 110 SER 110 110 110 SER SER A . n 
A 1 111 ASP 111 111 111 ASP ASP A . n 
A 1 112 GLN 112 112 112 GLN GLN A . n 
A 1 113 SER 113 113 113 SER SER A . n 
A 1 114 VAL 114 114 114 VAL VAL A . n 
A 1 115 ALA 115 115 115 ALA ALA A . n 
A 1 116 TRP 116 116 116 TRP TRP A . n 
A 1 117 ASP 117 117 117 ASP ASP A . n 
A 1 118 ALA 118 118 118 ALA ALA A . n 
A 1 119 GLU 119 119 119 GLU GLU A . n 
A 1 120 ALA 120 120 120 ALA ALA A . n 
A 1 121 PRO 121 121 121 PRO PRO A . n 
A 1 122 ILE 122 122 122 ILE ILE A . n 
A 1 123 CYS 123 123 123 CYS CYS A . n 
A 1 124 GLU 124 124 124 GLU GLU A . n 
A 1 125 SER 125 125 125 SER SER A . n 
A 1 126 ILE 126 126 126 ILE ILE A . n 
A 1 127 PRO 127 127 127 PRO PRO A . n 
A 1 128 CYS 128 128 128 CYS CYS A . n 
A 1 129 GLU 129 129 129 GLU GLU A . n 
A 1 130 ILE 130 130 130 ILE ILE A . n 
A 1 131 PRO 131 131 131 PRO PRO A . n 
A 1 132 PRO 132 132 132 PRO PRO A . n 
A 1 133 SER 133 133 133 SER SER A . n 
A 1 134 ILE 134 134 134 ILE ILE A . n 
A 1 135 PRO 135 135 135 PRO PRO A . n 
A 1 136 ASN 136 136 136 ASN ASN A . n 
A 1 137 GLY 137 137 137 GLY GLY A . n 
A 1 138 ASP 138 138 138 ASP ASP A . n 
A 1 139 PHE 139 139 139 PHE PHE A . n 
A 1 140 PHE 140 140 140 PHE PHE A . n 
A 1 141 SER 141 141 141 SER SER A . n 
A 1 142 PRO 142 142 142 PRO PRO A . n 
A 1 143 ASN 143 143 143 ASN ASN A . n 
A 1 144 ARG 144 144 144 ARG ARG A . n 
A 1 145 GLU 145 145 145 GLU GLU A . n 
A 1 146 ASP 146 146 146 ASP ASP A . n 
A 1 147 PHE 147 147 147 PHE PHE A . n 
A 1 148 HIS 148 148 148 HIS HIS A . n 
A 1 149 TYR 149 149 149 TYR TYR A . n 
A 1 150 GLY 150 150 150 GLY GLY A . n 
A 1 151 MET 151 151 151 MET MET A . n 
A 1 152 VAL 152 152 152 VAL VAL A . n 
A 1 153 VAL 153 153 153 VAL VAL A . n 
A 1 154 THR 154 154 154 THR THR A . n 
A 1 155 TYR 155 155 155 TYR TYR A . n 
A 1 156 GLN 156 156 156 GLN GLN A . n 
A 1 157 CYS 157 157 157 CYS CYS A . n 
A 1 158 ASN 158 158 158 ASN ASN A . n 
A 1 159 THR 159 159 159 THR THR A . n 
A 1 160 ASP 160 160 160 ASP ASP A . n 
A 1 161 ALA 161 161 161 ALA ALA A . n 
A 1 162 ARG 162 162 162 ARG ARG A . n 
A 1 163 GLY 163 163 163 GLY GLY A . n 
A 1 164 LYS 164 164 164 LYS LYS A . n 
A 1 165 LYS 165 165 165 LYS LYS A . n 
A 1 166 LEU 166 166 166 LEU LEU A . n 
A 1 167 PHE 167 167 167 PHE PHE A . n 
A 1 168 ASN 168 168 168 ASN ASN A . n 
A 1 169 LEU 169 169 169 LEU LEU A . n 
A 1 170 VAL 170 170 170 VAL VAL A . n 
A 1 171 GLY 171 171 171 GLY GLY A . n 
A 1 172 GLU 172 172 172 GLU GLU A . n 
A 1 173 PRO 173 173 173 PRO PRO A . n 
A 1 174 SER 174 174 174 SER SER A . n 
A 1 175 ILE 175 175 175 ILE ILE A . n 
A 1 176 HIS 176 176 176 HIS HIS A . n 
A 1 177 CYS 177 177 177 CYS CYS A . n 
A 1 178 THR 178 178 178 THR THR A . n 
A 1 179 SER 179 179 179 SER SER A . n 
A 1 180 ILE 180 180 180 ILE ILE A . n 
A 1 181 ASP 181 181 181 ASP ASP A . n 
A 1 182 GLY 182 182 182 GLY GLY A . n 
A 1 183 GLN 183 183 183 GLN GLN A . n 
A 1 184 VAL 184 184 184 VAL VAL A . n 
A 1 185 GLY 185 185 185 GLY GLY A . n 
A 1 186 VAL 186 186 186 VAL VAL A . n 
A 1 187 TRP 187 187 187 TRP TRP A . n 
A 1 188 SER 188 188 188 SER SER A . n 
A 1 189 GLY 189 189 189 GLY GLY A . n 
A 1 190 PRO 190 190 190 PRO PRO A . n 
A 1 191 PRO 191 191 191 PRO PRO A . n 
A 1 192 PRO 192 192 192 PRO PRO A . n 
A 1 193 GLN 193 193 193 GLN GLN A . n 
A 1 194 CYS 194 194 194 CYS CYS A . n 
A 1 195 ILE 195 195 195 ILE ILE A . n 
A 1 196 GLU 196 196 196 GLU GLU A . n 
A 1 197 LEU 197 197 197 LEU LEU A . n 
A 1 198 ASN 198 198 198 ASN ASP A . n 
A 1 199 LYS 199 199 199 LYS LYS A . n 
A 1 200 CYS 200 200 200 CYS CYS A . n 
A 1 201 THR 201 201 201 THR THR A . n 
A 1 202 PRO 202 202 202 PRO PRO A . n 
A 1 203 PRO 203 203 203 PRO PRO A . n 
A 1 204 HIS 204 204 204 HIS HIS A . n 
A 1 205 VAL 205 205 205 VAL VAL A . n 
A 1 206 GLU 206 206 206 GLU GLU A . n 
A 1 207 ASN 207 207 207 ASN ASN A . n 
A 1 208 ALA 208 208 208 ALA ALA A . n 
A 1 209 VAL 209 209 209 VAL VAL A . n 
A 1 210 ILE 210 210 210 ILE ILE A . n 
A 1 211 VAL 211 211 211 VAL VAL A . n 
A 1 212 SER 212 212 212 SER SER A . n 
A 1 213 LYS 213 213 213 LYS LYS A . n 
A 1 214 ASN 214 214 214 ASN ASN A . n 
A 1 215 LYS 215 215 215 LYS LYS A . n 
A 1 216 SER 216 216 216 SER SER A . n 
A 1 217 LEU 217 217 217 LEU LEU A . n 
A 1 218 PHE 218 218 218 PHE PHE A . n 
A 1 219 SER 219 219 219 SER SER A . n 
A 1 220 LEU 220 220 220 LEU LEU A . n 
A 1 221 ARG 221 221 221 ARG ARG A . n 
A 1 222 ASP 222 222 222 ASP ASP A . n 
A 1 223 MET 223 223 223 MET MET A . n 
A 1 224 VAL 224 224 224 VAL VAL A . n 
A 1 225 GLU 225 225 225 GLU GLU A . n 
A 1 226 PHE 226 226 226 PHE PHE A . n 
A 1 227 ARG 227 227 227 ARG ARG A . n 
A 1 228 CYS 228 228 228 CYS CYS A . n 
A 1 229 GLN 229 229 229 GLN GLN A . n 
A 1 230 ASP 230 230 230 ASP ASP A . n 
A 1 231 GLY 231 231 231 GLY GLY A . n 
A 1 232 PHE 232 232 232 PHE PHE A . n 
A 1 233 MET 233 233 233 MET MET A . n 
A 1 234 MET 234 234 234 MET MET A . n 
A 1 235 LYS 235 235 235 LYS LYS A . n 
A 1 236 GLY 236 236 236 GLY GLY A . n 
A 1 237 ASP 237 237 237 ASP ASP A . n 
A 1 238 SER 238 238 238 SER SER A . n 
A 1 239 SER 239 239 239 SER SER A . n 
A 1 240 VAL 240 240 240 VAL VAL A . n 
A 1 241 TYR 241 241 241 TYR TYR A . n 
A 1 242 CYS 242 242 242 CYS CYS A . n 
A 1 243 ARG 243 243 243 ARG ARG A . n 
A 1 244 SER 244 244 244 SER SER A . n 
A 1 245 LEU 245 245 245 LEU LEU A . n 
A 1 246 ASN 246 246 246 ASN ASN A . n 
A 1 247 ARG 247 247 247 ARG ARG A . n 
A 1 248 TRP 248 248 248 TRP TRP A . n 
A 1 249 GLU 249 249 249 GLU GLU A . n 
A 1 250 PRO 250 250 250 PRO PRO A . n 
A 1 251 GLN 251 251 251 GLN GLN A . n 
A 1 252 LEU 252 252 252 LEU LEU A . n 
A 1 253 PRO 253 253 253 PRO PRO A . n 
A 1 254 SER 254 254 254 SER SER A . n 
A 1 255 CYS 255 255 255 CYS CYS A . n 
A 1 256 PHE 256 256 256 PHE PHE A . n 
A 1 257 LYS 257 257 257 LYS LYS A . n 
A 1 258 VAL 258 258 258 VAL VAL A . n 
A 1 259 LYS 259 259 259 LYS LYS A . n 
A 1 260 SER 260 260 260 SER SER A . n 
A 1 261 CYS 261 261 261 CYS CYS A . n 
A 1 262 GLY 262 262 262 GLY GLY A . n 
A 1 263 ALA 263 263 263 ALA ALA A . n 
A 1 264 PHE 264 264 264 PHE PHE A . n 
A 1 265 LEU 265 265 265 LEU LEU A . n 
A 1 266 GLY 266 266 266 GLY GLY A . n 
A 1 267 GLU 267 267 267 GLU GLU A . n 
A 1 268 LEU 268 268 268 LEU LEU A . n 
A 1 269 PRO 269 269 269 PRO PRO A . n 
A 1 270 ASN 270 270 270 ASN ASN A . n 
A 1 271 GLY 271 271 271 GLY GLY A . n 
A 1 272 HIS 272 272 272 HIS HIS A . n 
A 1 273 VAL 273 273 273 VAL VAL A . n 
A 1 274 PHE 274 274 274 PHE PHE A . n 
A 1 275 VAL 275 275 275 VAL VAL A . n 
A 1 276 PRO 276 276 276 PRO PRO A . n 
A 1 277 GLN 277 277 277 GLN GLN A . n 
A 1 278 ASN 278 278 278 ASN ASN A . n 
A 1 279 LEU 279 279 279 LEU LEU A . n 
A 1 280 GLN 280 280 280 GLN GLN A . n 
A 1 281 LEU 281 281 281 LEU LEU A . n 
A 1 282 GLY 282 282 282 GLY GLY A . n 
A 1 283 ALA 283 283 283 ALA ALA A . n 
A 1 284 LYS 284 284 284 LYS LYS A . n 
A 1 285 VAL 285 285 285 VAL VAL A . n 
A 1 286 THR 286 286 286 THR THR A . n 
A 1 287 PHE 287 287 287 PHE PHE A . n 
A 1 288 VAL 288 288 288 VAL VAL A . n 
A 1 289 CYS 289 289 289 CYS CYS A . n 
A 1 290 ASN 290 290 290 ASN ASN A . n 
A 1 291 THR 291 291 291 THR THR A . n 
A 1 292 GLY 292 292 292 GLY GLY A . n 
A 1 293 TYR 293 293 293 TYR TYR A . n 
A 1 294 GLN 294 294 294 GLN GLN A . n 
A 1 295 LEU 295 295 295 LEU LEU A . n 
A 1 296 LYS 296 296 296 LYS LYS A . n 
A 1 297 GLY 297 297 297 GLY GLY A . n 
A 1 298 ASN 298 298 298 ASN ASN A . n 
A 1 299 SER 299 299 299 SER SER A . n 
A 1 300 SER 300 300 300 SER SER A . n 
A 1 301 SER 301 301 301 SER SER A . n 
A 1 302 HIS 302 302 302 HIS HIS A . n 
A 1 303 CYS 303 303 303 CYS CYS A . n 
A 1 304 VAL 304 304 304 VAL VAL A . n 
A 1 305 LEU 305 305 305 LEU LEU A . n 
A 1 306 ASP 306 306 306 ASP ASP A . n 
A 1 307 GLY 307 307 307 GLY GLY A . n 
A 1 308 VAL 308 308 308 VAL VAL A . n 
A 1 309 GLU 309 309 309 GLU GLU A . n 
A 1 310 SER 310 310 310 SER SER A . n 
A 1 311 ILE 311 311 311 ILE ILE A . n 
A 1 312 TRP 312 312 312 TRP TRP A . n 
A 1 313 ASN 313 313 313 ASN ASN A . n 
A 1 314 SER 314 314 314 SER SER A . n 
A 1 315 SER 315 315 315 SER SER A . n 
A 1 316 VAL 316 316 316 VAL VAL A . n 
A 1 317 PRO 317 317 317 PRO PRO A . n 
A 1 318 VAL 318 318 318 VAL VAL A . n 
A 1 319 CYS 319 319 319 CYS CYS A . n 
A 1 320 GLU 320 320 320 GLU GLU A . n 
# 
loop_
_software.name 
_software.classification 
_software.version 
_software.citation_id 
_software.pdbx_ordinal 
_software.date 
_software.type 
_software.location 
_software.language 
DETECTOR     'data collection' .                   ? 1  ? ? ? ? 
OTOKO        'data reduction'  .                   ? 2  ? ? ? ? 
COLLETTE     'data reduction'  .                   ? 3  ? ? ? ? 
SPOLLY       'data reduction'  .                   ? 4  ? ? ? ? 
SCTPL5       'model building'  .                   ? 5  ? ? ? ? 
GNOM         'model building'  .                   ? 6  ? ? ? ? 
'Insight II' 'model building'  II                  ? 7  ? ? ? ? 
DISCOVER     refinement        .                   ? 8  ? ? ? ? 
DETECTOR     'data reduction'  'SUPPLIED SOFTWARE' ? 9  ? ? ? ? 
OTOKO        'data scaling'    .                   ? 10 ? ? ? ? 
COLLETTE     'data scaling'    .                   ? 11 ? ? ? ? 
SPOLLY       'data scaling'    .                   ? 12 ? ? ? ? 
SCTPL        phasing           'V. 5'              ? 13 ? ? ? ? 
GNOM         phasing           .                   ? 14 ? ? ? ? 
# 
_cell.entry_id           1NTJ 
_cell.length_a           1.0 
_cell.length_b           1.0 
_cell.length_c           1.0 
_cell.angle_alpha        90.0 
_cell.angle_beta         90.0 
_cell.angle_gamma        90.0 
_cell.pdbx_unique_axis   ? 
_cell.Z_PDB              1 
_cell.length_a_esd       ? 
_cell.length_b_esd       ? 
_cell.length_c_esd       ? 
_cell.angle_alpha_esd    ? 
_cell.angle_beta_esd     ? 
_cell.angle_gamma_esd    ? 
# 
_symmetry.entry_id                         1NTJ 
_symmetry.space_group_name_H-M             'P 1' 
_symmetry.pdbx_full_space_group_name_H-M   ? 
_symmetry.Int_Tables_number                1 
_symmetry.cell_setting                     ? 
_symmetry.space_group_name_Hall            ? 
# 
_exptl.entry_id          1NTJ 
_exptl.method            'SOLUTION SCATTERING' 
_exptl.crystals_number   ? 
# 
_exptl_crystal.id                    1 
_exptl_crystal.density_meas          ? 
_exptl_crystal.density_Matthews      ? 
_exptl_crystal.density_percent_sol   ? 
_exptl_crystal.description           ? 
_exptl_crystal.F_000                 ? 
_exptl_crystal.preparation           ? 
# 
loop_
_diffrn.id 
_diffrn.ambient_temp 
_diffrn.ambient_temp_details 
_diffrn.crystal_id 
_diffrn.pdbx_serial_crystal_experiment 
1 288 ? 1 ? 
2 288 ? 1 ? 
3 288 ? 1 ? 
# 
loop_
_diffrn_detector.diffrn_id 
_diffrn_detector.detector 
_diffrn_detector.type 
_diffrn_detector.pdbx_collection_date 
_diffrn_detector.details 
1 'QUADRANT DETECTOR' '500 CHANNEL'  1999-04-15 ? 
2 'WIRE DETECTOR'     'BF3 DETECTOR' 1999-05-15 ? 
3 'AREA DETECTOR'     '3-He ORDELA'  1998-06-15 ? 
# 
loop_
_diffrn_radiation.diffrn_id 
_diffrn_radiation.wavelength_id 
_diffrn_radiation.pdbx_monochromatic_or_laue_m_l 
_diffrn_radiation.monochromator 
_diffrn_radiation.pdbx_diffrn_protocol 
_diffrn_radiation.pdbx_scattering_type 
1 1 M ?               'SINGLE WAVELENGTH' x-ray   
2 2 M 'ROTATING DRUM' 'SINGLE WAVELENGTH' neutron 
3 2 L TIME-OF-FLIGHT  LAUE                neutron 
# 
loop_
_diffrn_radiation_wavelength.id 
_diffrn_radiation_wavelength.wavelength 
_diffrn_radiation_wavelength.wt 
1 1.0  1.0 
2 10   1.0 
3 2.0  1.0 
4 10.0 1.0 
# 
loop_
_diffrn_source.diffrn_id 
_diffrn_source.source 
_diffrn_source.type 
_diffrn_source.pdbx_synchrotron_site 
_diffrn_source.pdbx_synchrotron_beamline 
_diffrn_source.pdbx_wavelength 
_diffrn_source.pdbx_wavelength_list 
1 SYNCHROTRON         'SRS BEAMLINE 2.1'  SRS  2.1 ? 1.0      
2 'NUCLEAR REACTOR'   'ILL BEAMLINE D11'  ILL  D11 ? 10       
3 'SPALLATION SOURCE' 'ISIS BEAMLINE LOQ' ISIS LOQ ? 2.0-10.0 
# 
_refine.entry_id                                 1NTJ 
_refine.ls_d_res_high                            30 
_refine.ls_d_res_low                             1300 
_refine.pdbx_ls_sigma_F                          ? 
_refine.pdbx_ls_sigma_I                          ? 
_refine.ls_number_reflns_all                     ? 
_refine.ls_number_reflns_obs                     ? 
_refine.ls_number_reflns_R_free                  ? 
_refine.ls_percent_reflns_obs                    ? 
_refine.ls_R_factor_all                          0.073 
_refine.ls_R_factor_obs                          ? 
_refine.ls_R_factor_R_work                       ? 
_refine.ls_R_factor_R_free                       ? 
_refine.ls_redundancy_reflns_obs                 ? 
_refine.pdbx_data_cutoff_high_absF               ? 
_refine.pdbx_data_cutoff_low_absF                ? 
_refine.ls_number_parameters                     ? 
_refine.ls_number_restraints                     ? 
_refine.ls_percent_reflns_R_free                 ? 
_refine.ls_R_factor_R_free_error                 ? 
_refine.ls_R_factor_R_free_error_details         ? 
_refine.pdbx_method_to_determine_struct          'CONSTRAINED MODEL FIT' 
_refine.pdbx_starting_model                      ? 
_refine.pdbx_ls_cross_valid_method               ? 
_refine.pdbx_R_Free_selection_details            ? 
_refine.pdbx_stereochem_target_val_spec_case     ? 
_refine.pdbx_stereochemistry_target_values       'Engh & Huber' 
_refine.solvent_model_details                    ? 
_refine.solvent_model_param_bsol                 ? 
_refine.solvent_model_param_ksol                 ? 
_refine.occupancy_max                            ? 
_refine.occupancy_min                            ? 
_refine.pdbx_isotropic_thermal_model             ? 
_refine.B_iso_mean                               ? 
_refine.aniso_B[1][1]                            ? 
_refine.aniso_B[1][2]                            ? 
_refine.aniso_B[1][3]                            ? 
_refine.aniso_B[2][2]                            ? 
_refine.aniso_B[2][3]                            ? 
_refine.aniso_B[3][3]                            ? 
_refine.details                                  
;The structure was determined by    
x-ray scattering, analytical ultracentrifugation    
and constrained modelling
;
_refine.B_iso_min                                ? 
_refine.B_iso_max                                ? 
_refine.correlation_coeff_Fo_to_Fc               ? 
_refine.correlation_coeff_Fo_to_Fc_free          ? 
_refine.pdbx_solvent_vdw_probe_radii             ? 
_refine.pdbx_solvent_ion_probe_radii             ? 
_refine.pdbx_solvent_shrinkage_radii             ? 
_refine.overall_SU_R_Cruickshank_DPI             ? 
_refine.overall_SU_R_free                        ? 
_refine.overall_SU_B                             ? 
_refine.overall_SU_ML                            ? 
_refine.pdbx_overall_ESU_R                       ? 
_refine.pdbx_overall_ESU_R_Free                  ? 
_refine.pdbx_data_cutoff_high_rms_absF           ? 
_refine.pdbx_overall_phase_error                 ? 
_refine.ls_wR_factor_R_free                      ? 
_refine.ls_wR_factor_R_work                      ? 
_refine.overall_FOM_free_R_set                   ? 
_refine.overall_FOM_work_R_set                   ? 
_refine.pdbx_refine_id                           'SOLUTION SCATTERING' 
_refine.pdbx_diffrn_id                           1,2,3 
_refine.pdbx_TLS_residual_ADP_flag               ? 
_refine.pdbx_overall_SU_R_free_Cruickshank_DPI   ? 
_refine.pdbx_overall_SU_R_Blow_DPI               ? 
_refine.pdbx_overall_SU_R_free_Blow_DPI          ? 
# 
_refine_hist.pdbx_refine_id                   'SOLUTION SCATTERING' 
_refine_hist.cycle_id                         LAST 
_refine_hist.pdbx_number_atoms_protein        320 
_refine_hist.pdbx_number_atoms_nucleic_acid   0 
_refine_hist.pdbx_number_atoms_ligand         0 
_refine_hist.number_atoms_solvent             0 
_refine_hist.number_atoms_total               320 
_refine_hist.d_res_high                       30 
_refine_hist.d_res_low                        1300 
# 
_struct.entry_id                  1NTJ 
_struct.title                     'Model of rat Crry determined by solution scattering, curve fitting and homology modelling' 
_struct.pdbx_model_details        ? 
_struct.pdbx_CASP_flag            ? 
_struct.pdbx_model_type_details   ? 
# 
_struct_keywords.entry_id        1NTJ 
_struct_keywords.pdbx_keywords   'IMMUNE SYSTEM' 
_struct_keywords.text            'IMMUNOLOGY, COMPLEMENT, GLYCOPROTEIN, SCR, CCP, IMMUNE SYSTEM' 
# 
_struct_asym.id                            A 
_struct_asym.pdbx_blank_PDB_chainid_flag   N 
_struct_asym.pdbx_modified                 N 
_struct_asym.entity_id                     1 
_struct_asym.details                       ? 
# 
_struct_ref.id                         1 
_struct_ref.db_name                    GB 
_struct_ref.db_code                    NP_062174 
_struct_ref.pdbx_db_accession          9506513 
_struct_ref.entity_id                  1 
_struct_ref.pdbx_seq_one_letter_code   
;TLGQCPAPPLFPYAKPINPTDESTFPVGTSLKYECRPGYIKRQFSITCEVNSVWTSPQDVCIRKQCETPLDPQNGIVHVN
TDIRFGSSITYTCNEGYRLIGSSSAMCIISDQSVAWDAEAPICESIPCEIPPSIPNGDFFSPNREDFHYGMVVTYQCNTD
ARGKKLFNLVGEPSIHCTSIDGQVGVWSGPPPQCIELNKCTPPHVENAVIVSKNKSLFSLRDMVEFRCQDGFMMKGDSSV
YCRSLNRWEPQLPSCFKVKSCGAFLGELPNGHVFVPQNLQLGAKVTFVCNTGYQLKGNSSSHCVLDGVESIWNSSVPVCE

;
_struct_ref.pdbx_align_begin           34 
_struct_ref.pdbx_db_isoform            ? 
# 
_struct_ref_seq.align_id                      1 
_struct_ref_seq.ref_id                        1 
_struct_ref_seq.pdbx_PDB_id_code              1NTJ 
_struct_ref_seq.pdbx_strand_id                A 
_struct_ref_seq.seq_align_beg                 1 
_struct_ref_seq.pdbx_seq_align_beg_ins_code   ? 
_struct_ref_seq.seq_align_end                 320 
_struct_ref_seq.pdbx_seq_align_end_ins_code   ? 
_struct_ref_seq.pdbx_db_accession             9506513 
_struct_ref_seq.db_align_beg                  34 
_struct_ref_seq.pdbx_db_align_beg_ins_code    ? 
_struct_ref_seq.db_align_end                  353 
_struct_ref_seq.pdbx_db_align_end_ins_code    ? 
_struct_ref_seq.pdbx_auth_seq_align_beg       1 
_struct_ref_seq.pdbx_auth_seq_align_end       320 
# 
_pdbx_struct_assembly.id                   1 
_pdbx_struct_assembly.details              author_defined_assembly 
_pdbx_struct_assembly.method_details       ? 
_pdbx_struct_assembly.oligomeric_details   monomeric 
_pdbx_struct_assembly.oligomeric_count     1 
# 
_pdbx_struct_assembly_gen.assembly_id       1 
_pdbx_struct_assembly_gen.oper_expression   1 
_pdbx_struct_assembly_gen.asym_id_list      A 
# 
_pdbx_struct_oper_list.id                   1 
_pdbx_struct_oper_list.type                 'identity operation' 
_pdbx_struct_oper_list.name                 1_555 
_pdbx_struct_oper_list.symmetry_operation   x,y,z 
_pdbx_struct_oper_list.matrix[1][1]         1.0000000000 
_pdbx_struct_oper_list.matrix[1][2]         0.0000000000 
_pdbx_struct_oper_list.matrix[1][3]         0.0000000000 
_pdbx_struct_oper_list.vector[1]            0.0000000000 
_pdbx_struct_oper_list.matrix[2][1]         0.0000000000 
_pdbx_struct_oper_list.matrix[2][2]         1.0000000000 
_pdbx_struct_oper_list.matrix[2][3]         0.0000000000 
_pdbx_struct_oper_list.vector[2]            0.0000000000 
_pdbx_struct_oper_list.matrix[3][1]         0.0000000000 
_pdbx_struct_oper_list.matrix[3][2]         0.0000000000 
_pdbx_struct_oper_list.matrix[3][3]         1.0000000000 
_pdbx_struct_oper_list.vector[3]            0.0000000000 
# 
loop_
_pdbx_database_remark.id 
_pdbx_database_remark.text 
2 'RESOLUTION. NOT APPLICABLE. '                                   
3 
;
REFINEMENT. 
PROGRAM     : INSIGHT II 98.0
AUTHORS     : MSI 
;
# 
loop_
_chem_comp_atom.comp_id 
_chem_comp_atom.atom_id 
_chem_comp_atom.type_symbol 
_chem_comp_atom.pdbx_aromatic_flag 
_chem_comp_atom.pdbx_stereo_config 
_chem_comp_atom.pdbx_ordinal 
ALA N    N N N 1   
ALA CA   C N S 2   
ALA C    C N N 3   
ALA O    O N N 4   
ALA CB   C N N 5   
ALA OXT  O N N 6   
ALA H    H N N 7   
ALA H2   H N N 8   
ALA HA   H N N 9   
ALA HB1  H N N 10  
ALA HB2  H N N 11  
ALA HB3  H N N 12  
ALA HXT  H N N 13  
ARG N    N N N 14  
ARG CA   C N S 15  
ARG C    C N N 16  
ARG O    O N N 17  
ARG CB   C N N 18  
ARG CG   C N N 19  
ARG CD   C N N 20  
ARG NE   N N N 21  
ARG CZ   C N N 22  
ARG NH1  N N N 23  
ARG NH2  N N N 24  
ARG OXT  O N N 25  
ARG H    H N N 26  
ARG H2   H N N 27  
ARG HA   H N N 28  
ARG HB2  H N N 29  
ARG HB3  H N N 30  
ARG HG2  H N N 31  
ARG HG3  H N N 32  
ARG HD2  H N N 33  
ARG HD3  H N N 34  
ARG HE   H N N 35  
ARG HH11 H N N 36  
ARG HH12 H N N 37  
ARG HH21 H N N 38  
ARG HH22 H N N 39  
ARG HXT  H N N 40  
ASN N    N N N 41  
ASN CA   C N S 42  
ASN C    C N N 43  
ASN O    O N N 44  
ASN CB   C N N 45  
ASN CG   C N N 46  
ASN OD1  O N N 47  
ASN ND2  N N N 48  
ASN OXT  O N N 49  
ASN H    H N N 50  
ASN H2   H N N 51  
ASN HA   H N N 52  
ASN HB2  H N N 53  
ASN HB3  H N N 54  
ASN HD21 H N N 55  
ASN HD22 H N N 56  
ASN HXT  H N N 57  
ASP N    N N N 58  
ASP CA   C N S 59  
ASP C    C N N 60  
ASP O    O N N 61  
ASP CB   C N N 62  
ASP CG   C N N 63  
ASP OD1  O N N 64  
ASP OD2  O N N 65  
ASP OXT  O N N 66  
ASP H    H N N 67  
ASP H2   H N N 68  
ASP HA   H N N 69  
ASP HB2  H N N 70  
ASP HB3  H N N 71  
ASP HD2  H N N 72  
ASP HXT  H N N 73  
CYS N    N N N 74  
CYS CA   C N R 75  
CYS C    C N N 76  
CYS O    O N N 77  
CYS CB   C N N 78  
CYS SG   S N N 79  
CYS OXT  O N N 80  
CYS H    H N N 81  
CYS H2   H N N 82  
CYS HA   H N N 83  
CYS HB2  H N N 84  
CYS HB3  H N N 85  
CYS HG   H N N 86  
CYS HXT  H N N 87  
GLN N    N N N 88  
GLN CA   C N S 89  
GLN C    C N N 90  
GLN O    O N N 91  
GLN CB   C N N 92  
GLN CG   C N N 93  
GLN CD   C N N 94  
GLN OE1  O N N 95  
GLN NE2  N N N 96  
GLN OXT  O N N 97  
GLN H    H N N 98  
GLN H2   H N N 99  
GLN HA   H N N 100 
GLN HB2  H N N 101 
GLN HB3  H N N 102 
GLN HG2  H N N 103 
GLN HG3  H N N 104 
GLN HE21 H N N 105 
GLN HE22 H N N 106 
GLN HXT  H N N 107 
GLU N    N N N 108 
GLU CA   C N S 109 
GLU C    C N N 110 
GLU O    O N N 111 
GLU CB   C N N 112 
GLU CG   C N N 113 
GLU CD   C N N 114 
GLU OE1  O N N 115 
GLU OE2  O N N 116 
GLU OXT  O N N 117 
GLU H    H N N 118 
GLU H2   H N N 119 
GLU HA   H N N 120 
GLU HB2  H N N 121 
GLU HB3  H N N 122 
GLU HG2  H N N 123 
GLU HG3  H N N 124 
GLU HE2  H N N 125 
GLU HXT  H N N 126 
GLY N    N N N 127 
GLY CA   C N N 128 
GLY C    C N N 129 
GLY O    O N N 130 
GLY OXT  O N N 131 
GLY H    H N N 132 
GLY H2   H N N 133 
GLY HA2  H N N 134 
GLY HA3  H N N 135 
GLY HXT  H N N 136 
HIS N    N N N 137 
HIS CA   C N S 138 
HIS C    C N N 139 
HIS O    O N N 140 
HIS CB   C N N 141 
HIS CG   C Y N 142 
HIS ND1  N Y N 143 
HIS CD2  C Y N 144 
HIS CE1  C Y N 145 
HIS NE2  N Y N 146 
HIS OXT  O N N 147 
HIS H    H N N 148 
HIS H2   H N N 149 
HIS HA   H N N 150 
HIS HB2  H N N 151 
HIS HB3  H N N 152 
HIS HD1  H N N 153 
HIS HD2  H N N 154 
HIS HE1  H N N 155 
HIS HE2  H N N 156 
HIS HXT  H N N 157 
ILE N    N N N 158 
ILE CA   C N S 159 
ILE C    C N N 160 
ILE O    O N N 161 
ILE CB   C N S 162 
ILE CG1  C N N 163 
ILE CG2  C N N 164 
ILE CD1  C N N 165 
ILE OXT  O N N 166 
ILE H    H N N 167 
ILE H2   H N N 168 
ILE HA   H N N 169 
ILE HB   H N N 170 
ILE HG12 H N N 171 
ILE HG13 H N N 172 
ILE HG21 H N N 173 
ILE HG22 H N N 174 
ILE HG23 H N N 175 
ILE HD11 H N N 176 
ILE HD12 H N N 177 
ILE HD13 H N N 178 
ILE HXT  H N N 179 
LEU N    N N N 180 
LEU CA   C N S 181 
LEU C    C N N 182 
LEU O    O N N 183 
LEU CB   C N N 184 
LEU CG   C N N 185 
LEU CD1  C N N 186 
LEU CD2  C N N 187 
LEU OXT  O N N 188 
LEU H    H N N 189 
LEU H2   H N N 190 
LEU HA   H N N 191 
LEU HB2  H N N 192 
LEU HB3  H N N 193 
LEU HG   H N N 194 
LEU HD11 H N N 195 
LEU HD12 H N N 196 
LEU HD13 H N N 197 
LEU HD21 H N N 198 
LEU HD22 H N N 199 
LEU HD23 H N N 200 
LEU HXT  H N N 201 
LYS N    N N N 202 
LYS CA   C N S 203 
LYS C    C N N 204 
LYS O    O N N 205 
LYS CB   C N N 206 
LYS CG   C N N 207 
LYS CD   C N N 208 
LYS CE   C N N 209 
LYS NZ   N N N 210 
LYS OXT  O N N 211 
LYS H    H N N 212 
LYS H2   H N N 213 
LYS HA   H N N 214 
LYS HB2  H N N 215 
LYS HB3  H N N 216 
LYS HG2  H N N 217 
LYS HG3  H N N 218 
LYS HD2  H N N 219 
LYS HD3  H N N 220 
LYS HE2  H N N 221 
LYS HE3  H N N 222 
LYS HZ1  H N N 223 
LYS HZ2  H N N 224 
LYS HZ3  H N N 225 
LYS HXT  H N N 226 
MET N    N N N 227 
MET CA   C N S 228 
MET C    C N N 229 
MET O    O N N 230 
MET CB   C N N 231 
MET CG   C N N 232 
MET SD   S N N 233 
MET CE   C N N 234 
MET OXT  O N N 235 
MET H    H N N 236 
MET H2   H N N 237 
MET HA   H N N 238 
MET HB2  H N N 239 
MET HB3  H N N 240 
MET HG2  H N N 241 
MET HG3  H N N 242 
MET HE1  H N N 243 
MET HE2  H N N 244 
MET HE3  H N N 245 
MET HXT  H N N 246 
PHE N    N N N 247 
PHE CA   C N S 248 
PHE C    C N N 249 
PHE O    O N N 250 
PHE CB   C N N 251 
PHE CG   C Y N 252 
PHE CD1  C Y N 253 
PHE CD2  C Y N 254 
PHE CE1  C Y N 255 
PHE CE2  C Y N 256 
PHE CZ   C Y N 257 
PHE OXT  O N N 258 
PHE H    H N N 259 
PHE H2   H N N 260 
PHE HA   H N N 261 
PHE HB2  H N N 262 
PHE HB3  H N N 263 
PHE HD1  H N N 264 
PHE HD2  H N N 265 
PHE HE1  H N N 266 
PHE HE2  H N N 267 
PHE HZ   H N N 268 
PHE HXT  H N N 269 
PRO N    N N N 270 
PRO CA   C N S 271 
PRO C    C N N 272 
PRO O    O N N 273 
PRO CB   C N N 274 
PRO CG   C N N 275 
PRO CD   C N N 276 
PRO OXT  O N N 277 
PRO H    H N N 278 
PRO HA   H N N 279 
PRO HB2  H N N 280 
PRO HB3  H N N 281 
PRO HG2  H N N 282 
PRO HG3  H N N 283 
PRO HD2  H N N 284 
PRO HD3  H N N 285 
PRO HXT  H N N 286 
SER N    N N N 287 
SER CA   C N S 288 
SER C    C N N 289 
SER O    O N N 290 
SER CB   C N N 291 
SER OG   O N N 292 
SER OXT  O N N 293 
SER H    H N N 294 
SER H2   H N N 295 
SER HA   H N N 296 
SER HB2  H N N 297 
SER HB3  H N N 298 
SER HG   H N N 299 
SER HXT  H N N 300 
THR N    N N N 301 
THR CA   C N S 302 
THR C    C N N 303 
THR O    O N N 304 
THR CB   C N R 305 
THR OG1  O N N 306 
THR CG2  C N N 307 
THR OXT  O N N 308 
THR H    H N N 309 
THR H2   H N N 310 
THR HA   H N N 311 
THR HB   H N N 312 
THR HG1  H N N 313 
THR HG21 H N N 314 
THR HG22 H N N 315 
THR HG23 H N N 316 
THR HXT  H N N 317 
TRP N    N N N 318 
TRP CA   C N S 319 
TRP C    C N N 320 
TRP O    O N N 321 
TRP CB   C N N 322 
TRP CG   C Y N 323 
TRP CD1  C Y N 324 
TRP CD2  C Y N 325 
TRP NE1  N Y N 326 
TRP CE2  C Y N 327 
TRP CE3  C Y N 328 
TRP CZ2  C Y N 329 
TRP CZ3  C Y N 330 
TRP CH2  C Y N 331 
TRP OXT  O N N 332 
TRP H    H N N 333 
TRP H2   H N N 334 
TRP HA   H N N 335 
TRP HB2  H N N 336 
TRP HB3  H N N 337 
TRP HD1  H N N 338 
TRP HE1  H N N 339 
TRP HE3  H N N 340 
TRP HZ2  H N N 341 
TRP HZ3  H N N 342 
TRP HH2  H N N 343 
TRP HXT  H N N 344 
TYR N    N N N 345 
TYR CA   C N S 346 
TYR C    C N N 347 
TYR O    O N N 348 
TYR CB   C N N 349 
TYR CG   C Y N 350 
TYR CD1  C Y N 351 
TYR CD2  C Y N 352 
TYR CE1  C Y N 353 
TYR CE2  C Y N 354 
TYR CZ   C Y N 355 
TYR OH   O N N 356 
TYR OXT  O N N 357 
TYR H    H N N 358 
TYR H2   H N N 359 
TYR HA   H N N 360 
TYR HB2  H N N 361 
TYR HB3  H N N 362 
TYR HD1  H N N 363 
TYR HD2  H N N 364 
TYR HE1  H N N 365 
TYR HE2  H N N 366 
TYR HH   H N N 367 
TYR HXT  H N N 368 
VAL N    N N N 369 
VAL CA   C N S 370 
VAL C    C N N 371 
VAL O    O N N 372 
VAL CB   C N N 373 
VAL CG1  C N N 374 
VAL CG2  C N N 375 
VAL OXT  O N N 376 
VAL H    H N N 377 
VAL H2   H N N 378 
VAL HA   H N N 379 
VAL HB   H N N 380 
VAL HG11 H N N 381 
VAL HG12 H N N 382 
VAL HG13 H N N 383 
VAL HG21 H N N 384 
VAL HG22 H N N 385 
VAL HG23 H N N 386 
VAL HXT  H N N 387 
# 
loop_
_chem_comp_bond.comp_id 
_chem_comp_bond.atom_id_1 
_chem_comp_bond.atom_id_2 
_chem_comp_bond.value_order 
_chem_comp_bond.pdbx_aromatic_flag 
_chem_comp_bond.pdbx_stereo_config 
_chem_comp_bond.pdbx_ordinal 
ALA N   CA   sing N N 1   
ALA N   H    sing N N 2   
ALA N   H2   sing N N 3   
ALA CA  C    sing N N 4   
ALA CA  CB   sing N N 5   
ALA CA  HA   sing N N 6   
ALA C   O    doub N N 7   
ALA C   OXT  sing N N 8   
ALA CB  HB1  sing N N 9   
ALA CB  HB2  sing N N 10  
ALA CB  HB3  sing N N 11  
ALA OXT HXT  sing N N 12  
ARG N   CA   sing N N 13  
ARG N   H    sing N N 14  
ARG N   H2   sing N N 15  
ARG CA  C    sing N N 16  
ARG CA  CB   sing N N 17  
ARG CA  HA   sing N N 18  
ARG C   O    doub N N 19  
ARG C   OXT  sing N N 20  
ARG CB  CG   sing N N 21  
ARG CB  HB2  sing N N 22  
ARG CB  HB3  sing N N 23  
ARG CG  CD   sing N N 24  
ARG CG  HG2  sing N N 25  
ARG CG  HG3  sing N N 26  
ARG CD  NE   sing N N 27  
ARG CD  HD2  sing N N 28  
ARG CD  HD3  sing N N 29  
ARG NE  CZ   sing N N 30  
ARG NE  HE   sing N N 31  
ARG CZ  NH1  sing N N 32  
ARG CZ  NH2  doub N N 33  
ARG NH1 HH11 sing N N 34  
ARG NH1 HH12 sing N N 35  
ARG NH2 HH21 sing N N 36  
ARG NH2 HH22 sing N N 37  
ARG OXT HXT  sing N N 38  
ASN N   CA   sing N N 39  
ASN N   H    sing N N 40  
ASN N   H2   sing N N 41  
ASN CA  C    sing N N 42  
ASN CA  CB   sing N N 43  
ASN CA  HA   sing N N 44  
ASN C   O    doub N N 45  
ASN C   OXT  sing N N 46  
ASN CB  CG   sing N N 47  
ASN CB  HB2  sing N N 48  
ASN CB  HB3  sing N N 49  
ASN CG  OD1  doub N N 50  
ASN CG  ND2  sing N N 51  
ASN ND2 HD21 sing N N 52  
ASN ND2 HD22 sing N N 53  
ASN OXT HXT  sing N N 54  
ASP N   CA   sing N N 55  
ASP N   H    sing N N 56  
ASP N   H2   sing N N 57  
ASP CA  C    sing N N 58  
ASP CA  CB   sing N N 59  
ASP CA  HA   sing N N 60  
ASP C   O    doub N N 61  
ASP C   OXT  sing N N 62  
ASP CB  CG   sing N N 63  
ASP CB  HB2  sing N N 64  
ASP CB  HB3  sing N N 65  
ASP CG  OD1  doub N N 66  
ASP CG  OD2  sing N N 67  
ASP OD2 HD2  sing N N 68  
ASP OXT HXT  sing N N 69  
CYS N   CA   sing N N 70  
CYS N   H    sing N N 71  
CYS N   H2   sing N N 72  
CYS CA  C    sing N N 73  
CYS CA  CB   sing N N 74  
CYS CA  HA   sing N N 75  
CYS C   O    doub N N 76  
CYS C   OXT  sing N N 77  
CYS CB  SG   sing N N 78  
CYS CB  HB2  sing N N 79  
CYS CB  HB3  sing N N 80  
CYS SG  HG   sing N N 81  
CYS OXT HXT  sing N N 82  
GLN N   CA   sing N N 83  
GLN N   H    sing N N 84  
GLN N   H2   sing N N 85  
GLN CA  C    sing N N 86  
GLN CA  CB   sing N N 87  
GLN CA  HA   sing N N 88  
GLN C   O    doub N N 89  
GLN C   OXT  sing N N 90  
GLN CB  CG   sing N N 91  
GLN CB  HB2  sing N N 92  
GLN CB  HB3  sing N N 93  
GLN CG  CD   sing N N 94  
GLN CG  HG2  sing N N 95  
GLN CG  HG3  sing N N 96  
GLN CD  OE1  doub N N 97  
GLN CD  NE2  sing N N 98  
GLN NE2 HE21 sing N N 99  
GLN NE2 HE22 sing N N 100 
GLN OXT HXT  sing N N 101 
GLU N   CA   sing N N 102 
GLU N   H    sing N N 103 
GLU N   H2   sing N N 104 
GLU CA  C    sing N N 105 
GLU CA  CB   sing N N 106 
GLU CA  HA   sing N N 107 
GLU C   O    doub N N 108 
GLU C   OXT  sing N N 109 
GLU CB  CG   sing N N 110 
GLU CB  HB2  sing N N 111 
GLU CB  HB3  sing N N 112 
GLU CG  CD   sing N N 113 
GLU CG  HG2  sing N N 114 
GLU CG  HG3  sing N N 115 
GLU CD  OE1  doub N N 116 
GLU CD  OE2  sing N N 117 
GLU OE2 HE2  sing N N 118 
GLU OXT HXT  sing N N 119 
GLY N   CA   sing N N 120 
GLY N   H    sing N N 121 
GLY N   H2   sing N N 122 
GLY CA  C    sing N N 123 
GLY CA  HA2  sing N N 124 
GLY CA  HA3  sing N N 125 
GLY C   O    doub N N 126 
GLY C   OXT  sing N N 127 
GLY OXT HXT  sing N N 128 
HIS N   CA   sing N N 129 
HIS N   H    sing N N 130 
HIS N   H2   sing N N 131 
HIS CA  C    sing N N 132 
HIS CA  CB   sing N N 133 
HIS CA  HA   sing N N 134 
HIS C   O    doub N N 135 
HIS C   OXT  sing N N 136 
HIS CB  CG   sing N N 137 
HIS CB  HB2  sing N N 138 
HIS CB  HB3  sing N N 139 
HIS CG  ND1  sing Y N 140 
HIS CG  CD2  doub Y N 141 
HIS ND1 CE1  doub Y N 142 
HIS ND1 HD1  sing N N 143 
HIS CD2 NE2  sing Y N 144 
HIS CD2 HD2  sing N N 145 
HIS CE1 NE2  sing Y N 146 
HIS CE1 HE1  sing N N 147 
HIS NE2 HE2  sing N N 148 
HIS OXT HXT  sing N N 149 
ILE N   CA   sing N N 150 
ILE N   H    sing N N 151 
ILE N   H2   sing N N 152 
ILE CA  C    sing N N 153 
ILE CA  CB   sing N N 154 
ILE CA  HA   sing N N 155 
ILE C   O    doub N N 156 
ILE C   OXT  sing N N 157 
ILE CB  CG1  sing N N 158 
ILE CB  CG2  sing N N 159 
ILE CB  HB   sing N N 160 
ILE CG1 CD1  sing N N 161 
ILE CG1 HG12 sing N N 162 
ILE CG1 HG13 sing N N 163 
ILE CG2 HG21 sing N N 164 
ILE CG2 HG22 sing N N 165 
ILE CG2 HG23 sing N N 166 
ILE CD1 HD11 sing N N 167 
ILE CD1 HD12 sing N N 168 
ILE CD1 HD13 sing N N 169 
ILE OXT HXT  sing N N 170 
LEU N   CA   sing N N 171 
LEU N   H    sing N N 172 
LEU N   H2   sing N N 173 
LEU CA  C    sing N N 174 
LEU CA  CB   sing N N 175 
LEU CA  HA   sing N N 176 
LEU C   O    doub N N 177 
LEU C   OXT  sing N N 178 
LEU CB  CG   sing N N 179 
LEU CB  HB2  sing N N 180 
LEU CB  HB3  sing N N 181 
LEU CG  CD1  sing N N 182 
LEU CG  CD2  sing N N 183 
LEU CG  HG   sing N N 184 
LEU CD1 HD11 sing N N 185 
LEU CD1 HD12 sing N N 186 
LEU CD1 HD13 sing N N 187 
LEU CD2 HD21 sing N N 188 
LEU CD2 HD22 sing N N 189 
LEU CD2 HD23 sing N N 190 
LEU OXT HXT  sing N N 191 
LYS N   CA   sing N N 192 
LYS N   H    sing N N 193 
LYS N   H2   sing N N 194 
LYS CA  C    sing N N 195 
LYS CA  CB   sing N N 196 
LYS CA  HA   sing N N 197 
LYS C   O    doub N N 198 
LYS C   OXT  sing N N 199 
LYS CB  CG   sing N N 200 
LYS CB  HB2  sing N N 201 
LYS CB  HB3  sing N N 202 
LYS CG  CD   sing N N 203 
LYS CG  HG2  sing N N 204 
LYS CG  HG3  sing N N 205 
LYS CD  CE   sing N N 206 
LYS CD  HD2  sing N N 207 
LYS CD  HD3  sing N N 208 
LYS CE  NZ   sing N N 209 
LYS CE  HE2  sing N N 210 
LYS CE  HE3  sing N N 211 
LYS NZ  HZ1  sing N N 212 
LYS NZ  HZ2  sing N N 213 
LYS NZ  HZ3  sing N N 214 
LYS OXT HXT  sing N N 215 
MET N   CA   sing N N 216 
MET N   H    sing N N 217 
MET N   H2   sing N N 218 
MET CA  C    sing N N 219 
MET CA  CB   sing N N 220 
MET CA  HA   sing N N 221 
MET C   O    doub N N 222 
MET C   OXT  sing N N 223 
MET CB  CG   sing N N 224 
MET CB  HB2  sing N N 225 
MET CB  HB3  sing N N 226 
MET CG  SD   sing N N 227 
MET CG  HG2  sing N N 228 
MET CG  HG3  sing N N 229 
MET SD  CE   sing N N 230 
MET CE  HE1  sing N N 231 
MET CE  HE2  sing N N 232 
MET CE  HE3  sing N N 233 
MET OXT HXT  sing N N 234 
PHE N   CA   sing N N 235 
PHE N   H    sing N N 236 
PHE N   H2   sing N N 237 
PHE CA  C    sing N N 238 
PHE CA  CB   sing N N 239 
PHE CA  HA   sing N N 240 
PHE C   O    doub N N 241 
PHE C   OXT  sing N N 242 
PHE CB  CG   sing N N 243 
PHE CB  HB2  sing N N 244 
PHE CB  HB3  sing N N 245 
PHE CG  CD1  doub Y N 246 
PHE CG  CD2  sing Y N 247 
PHE CD1 CE1  sing Y N 248 
PHE CD1 HD1  sing N N 249 
PHE CD2 CE2  doub Y N 250 
PHE CD2 HD2  sing N N 251 
PHE CE1 CZ   doub Y N 252 
PHE CE1 HE1  sing N N 253 
PHE CE2 CZ   sing Y N 254 
PHE CE2 HE2  sing N N 255 
PHE CZ  HZ   sing N N 256 
PHE OXT HXT  sing N N 257 
PRO N   CA   sing N N 258 
PRO N   CD   sing N N 259 
PRO N   H    sing N N 260 
PRO CA  C    sing N N 261 
PRO CA  CB   sing N N 262 
PRO CA  HA   sing N N 263 
PRO C   O    doub N N 264 
PRO C   OXT  sing N N 265 
PRO CB  CG   sing N N 266 
PRO CB  HB2  sing N N 267 
PRO CB  HB3  sing N N 268 
PRO CG  CD   sing N N 269 
PRO CG  HG2  sing N N 270 
PRO CG  HG3  sing N N 271 
PRO CD  HD2  sing N N 272 
PRO CD  HD3  sing N N 273 
PRO OXT HXT  sing N N 274 
SER N   CA   sing N N 275 
SER N   H    sing N N 276 
SER N   H2   sing N N 277 
SER CA  C    sing N N 278 
SER CA  CB   sing N N 279 
SER CA  HA   sing N N 280 
SER C   O    doub N N 281 
SER C   OXT  sing N N 282 
SER CB  OG   sing N N 283 
SER CB  HB2  sing N N 284 
SER CB  HB3  sing N N 285 
SER OG  HG   sing N N 286 
SER OXT HXT  sing N N 287 
THR N   CA   sing N N 288 
THR N   H    sing N N 289 
THR N   H2   sing N N 290 
THR CA  C    sing N N 291 
THR CA  CB   sing N N 292 
THR CA  HA   sing N N 293 
THR C   O    doub N N 294 
THR C   OXT  sing N N 295 
THR CB  OG1  sing N N 296 
THR CB  CG2  sing N N 297 
THR CB  HB   sing N N 298 
THR OG1 HG1  sing N N 299 
THR CG2 HG21 sing N N 300 
THR CG2 HG22 sing N N 301 
THR CG2 HG23 sing N N 302 
THR OXT HXT  sing N N 303 
TRP N   CA   sing N N 304 
TRP N   H    sing N N 305 
TRP N   H2   sing N N 306 
TRP CA  C    sing N N 307 
TRP CA  CB   sing N N 308 
TRP CA  HA   sing N N 309 
TRP C   O    doub N N 310 
TRP C   OXT  sing N N 311 
TRP CB  CG   sing N N 312 
TRP CB  HB2  sing N N 313 
TRP CB  HB3  sing N N 314 
TRP CG  CD1  doub Y N 315 
TRP CG  CD2  sing Y N 316 
TRP CD1 NE1  sing Y N 317 
TRP CD1 HD1  sing N N 318 
TRP CD2 CE2  doub Y N 319 
TRP CD2 CE3  sing Y N 320 
TRP NE1 CE2  sing Y N 321 
TRP NE1 HE1  sing N N 322 
TRP CE2 CZ2  sing Y N 323 
TRP CE3 CZ3  doub Y N 324 
TRP CE3 HE3  sing N N 325 
TRP CZ2 CH2  doub Y N 326 
TRP CZ2 HZ2  sing N N 327 
TRP CZ3 CH2  sing Y N 328 
TRP CZ3 HZ3  sing N N 329 
TRP CH2 HH2  sing N N 330 
TRP OXT HXT  sing N N 331 
TYR N   CA   sing N N 332 
TYR N   H    sing N N 333 
TYR N   H2   sing N N 334 
TYR CA  C    sing N N 335 
TYR CA  CB   sing N N 336 
TYR CA  HA   sing N N 337 
TYR C   O    doub N N 338 
TYR C   OXT  sing N N 339 
TYR CB  CG   sing N N 340 
TYR CB  HB2  sing N N 341 
TYR CB  HB3  sing N N 342 
TYR CG  CD1  doub Y N 343 
TYR CG  CD2  sing Y N 344 
TYR CD1 CE1  sing Y N 345 
TYR CD1 HD1  sing N N 346 
TYR CD2 CE2  doub Y N 347 
TYR CD2 HD2  sing N N 348 
TYR CE1 CZ   doub Y N 349 
TYR CE1 HE1  sing N N 350 
TYR CE2 CZ   sing Y N 351 
TYR CE2 HE2  sing N N 352 
TYR CZ  OH   sing N N 353 
TYR OH  HH   sing N N 354 
TYR OXT HXT  sing N N 355 
VAL N   CA   sing N N 356 
VAL N   H    sing N N 357 
VAL N   H2   sing N N 358 
VAL CA  C    sing N N 359 
VAL CA  CB   sing N N 360 
VAL CA  HA   sing N N 361 
VAL C   O    doub N N 362 
VAL C   OXT  sing N N 363 
VAL CB  CG1  sing N N 364 
VAL CB  CG2  sing N N 365 
VAL CB  HB   sing N N 366 
VAL CG1 HG11 sing N N 367 
VAL CG1 HG12 sing N N 368 
VAL CG1 HG13 sing N N 369 
VAL CG2 HG21 sing N N 370 
VAL CG2 HG22 sing N N 371 
VAL CG2 HG23 sing N N 372 
VAL OXT HXT  sing N N 373 
# 
_pdbx_coordinate_model.asym_id   A 
_pdbx_coordinate_model.type      'CA ATOMS ONLY' 
# 
loop_
_pdbx_soln_scatter.id 
_pdbx_soln_scatter.type 
_pdbx_soln_scatter.source_type 
_pdbx_soln_scatter.source_class 
_pdbx_soln_scatter.source_beamline 
_pdbx_soln_scatter.source_beamline_instrument 
_pdbx_soln_scatter.detector_type 
_pdbx_soln_scatter.detector_specific 
_pdbx_soln_scatter.temperature 
_pdbx_soln_scatter.sample_pH 
_pdbx_soln_scatter.num_time_frames 
_pdbx_soln_scatter.concentration_range 
_pdbx_soln_scatter.buffer_name 
_pdbx_soln_scatter.data_reduction_software_list 
_pdbx_soln_scatter.data_analysis_software_list 
_pdbx_soln_scatter.mean_guiner_radius 
_pdbx_soln_scatter.mean_guiner_radius_esd 
_pdbx_soln_scatter.min_mean_cross_sectional_radii_gyration 
_pdbx_soln_scatter.min_mean_cross_sectional_radii_gyration_esd 
_pdbx_soln_scatter.max_mean_cross_sectional_radii_gyration 
_pdbx_soln_scatter.max_mean_cross_sectional_radii_gyration_esd 
_pdbx_soln_scatter.protein_length 
_pdbx_soln_scatter.entry_id 
1 x-ray   'SRS BEAMLINE 2.1' Y 2.1              ?   '500-CHANNEL QUADRANT'  ? 288 7.5 10 2-15    TRIS               OTOKO 
'SCTPL5, GNOM' 5.0 0.4 1.5 0.1 ? ? 1 1NTJ 
2 neutron ILL                N ?                D11 AREA                    ? 288 7.5 ?  8.2     'PBS IN 99.9% D2O' 
'DETEC, RNILS, SPOLLY' 'SCTPL5, GNOM' 4.9 0.2 1.2 0.2 ? ? ? 1NTJ 
3 neutron ISIS               N 'PULSED NEUTRON' LOQ 'AREA (TIME-OF-FLIGHT)' ? 288 7.5 ?  4.5-6.8 'PBS IN 99.9% D2O' COLLETTE 
'SCTPL5, GNOM' 4.9 0.2 1.2 0.2 ? ? 1 1NTJ 
# 
_pdbx_soln_scatter_model.scatter_id                     1 
_pdbx_soln_scatter_model.id                             1 
_pdbx_soln_scatter_model.method                         'CONSTRAINED SCATTERING FITTING OF HOMOLOGY MODELS' 
_pdbx_soln_scatter_model.software_list                  'INSIGHT II, HOMOLOGY, DISCOVERY, BIOPOLYMER, DELPHI' 
_pdbx_soln_scatter_model.software_author_list           MSI 
_pdbx_soln_scatter_model.entry_fitting_list             ? 
_pdbx_soln_scatter_model.details                        
;HOMOLOGY MODELS WERE BUILT FOR
THE 5 SCR DOMAINS AND ENERGY MINIMISATIONS WERE
PERFORMED TO IMPROVE THE CONNECTIVITY IN THE FH MODEL.
BIANTENNARY COMPLEX-TYPE CARBOHYDRATE STRUCTURES
(MAN3GLCNAC4GAL2FUC0NEUNAC2) WERE ADDED TO EACH OF THE
N-LINKED GLYCOSYLATION SITES. A LIBRARY OF LINKER
PEPTIDE CONFORMATIONS WAS USED IN DOMAIN MODELLING
CONSTRAINED BY THE SOLUTION SCATTERING FITS. MODELLING
WITH THE SCATTERING DATA WAS ALSO CARRIED OUT BY
ROTATIONAL SEARCH METHODS. THE X-RAY AND NEUTRON
SCATTERING CURVE I(Q) WAS CALCULATED ASSUMING A UNIFORM
SCATTERING DENSITY FOR THE SPHERES USING THE DEBYE
EQUATION AS ADAPTED TO SPHERES. X-RAY CURVES WERE
CALCULATED FROM THE HYDRATED SPHERE MODELS WITHOUT
CORRECTIONS FOR WAVELENGTH SPREAD OR BEAM DIVERGENCE,
WHILE THESE CORRECTIONS WERE APPLIED FOR THE NEUTRON
CURVES BUT NOW USING UNHYDRATED MODELS.
;
_pdbx_soln_scatter_model.num_conformers_calculated      2000 
_pdbx_soln_scatter_model.num_conformers_submitted       1 
_pdbx_soln_scatter_model.conformer_selection_criteria   
;THE MODELLED SCATTERING
CURVES WERE ASSESSED BY CALCULATION OF THE
RG AND RSX-1 VALUES IN THE SAME Q RANGES
USED IN THE EXPERIMENTAL GUINIER FITS. MODELS WERE
THEN RANKED USING A GOODNESS-OF-FIT R-FACTOR
DEFINED BY ANALOGY WITH PROTEIN CRYSTALLOGRAPHY
AND BASED ON THE EXPERIMENTAL CURVES IN THE Q RANGE
EXTENDING TO 2.2 NM-1 (X-RAYS) AND 1.12 NM-1
(ILL NEUTRONS).
;
_pdbx_soln_scatter_model.representative_conformer       1 
# 
_atom_sites.entry_id                    1NTJ 
_atom_sites.fract_transf_matrix[1][1]   1.000000 
_atom_sites.fract_transf_matrix[1][2]   0.000000 
_atom_sites.fract_transf_matrix[1][3]   0.000000 
_atom_sites.fract_transf_matrix[2][1]   0.000000 
_atom_sites.fract_transf_matrix[2][2]   1.000000 
_atom_sites.fract_transf_matrix[2][3]   0.000000 
_atom_sites.fract_transf_matrix[3][1]   0.000000 
_atom_sites.fract_transf_matrix[3][2]   0.000000 
_atom_sites.fract_transf_matrix[3][3]   1.000000 
_atom_sites.fract_transf_vector[1]      0.00000 
_atom_sites.fract_transf_vector[2]      0.00000 
_atom_sites.fract_transf_vector[3]      0.00000 
# 
_atom_type.symbol   C 
# 
loop_
_atom_site.group_PDB 
_atom_site.id 
_atom_site.type_symbol 
_atom_site.label_atom_id 
_atom_site.label_alt_id 
_atom_site.label_comp_id 
_atom_site.label_asym_id 
_atom_site.label_entity_id 
_atom_site.label_seq_id 
_atom_site.pdbx_PDB_ins_code 
_atom_site.Cartn_x 
_atom_site.Cartn_y 
_atom_site.Cartn_z 
_atom_site.occupancy 
_atom_site.B_iso_or_equiv 
_atom_site.pdbx_formal_charge 
_atom_site.auth_seq_id 
_atom_site.auth_comp_id 
_atom_site.auth_asym_id 
_atom_site.auth_atom_id 
_atom_site.pdbx_PDB_model_num 
ATOM 1   C CA . THR A 1 1   ? -39.340 -58.615 43.225  1.00 0.00 ? 1   THR A CA 1 
ATOM 2   C CA . LEU A 1 2   ? -36.431 -58.499 45.646  1.00 0.00 ? 2   LEU A CA 1 
ATOM 3   C CA . GLY A 1 3   ? -33.728 -55.867 45.344  1.00 0.00 ? 3   GLY A CA 1 
ATOM 4   C CA . GLN A 1 4   ? -30.723 -55.863 47.647  1.00 0.00 ? 4   GLN A CA 1 
ATOM 5   C CA . CYS A 1 5   ? -28.053 -53.197 47.429  1.00 0.00 ? 5   CYS A CA 1 
ATOM 6   C CA . PRO A 1 6   ? -25.058 -52.484 49.616  1.00 0.00 ? 6   PRO A CA 1 
ATOM 7   C CA . ALA A 1 7   ? -23.750 -49.172 50.850  1.00 0.00 ? 7   ALA A CA 1 
ATOM 8   C CA . PRO A 1 8   ? -23.371 -46.820 47.845  1.00 0.00 ? 8   PRO A CA 1 
ATOM 9   C CA . PRO A 1 9   ? -19.891 -45.684 46.840  1.00 0.00 ? 9   PRO A CA 1 
ATOM 10  C CA . LEU A 1 10  ? -18.469 -42.480 48.100  1.00 0.00 ? 10  LEU A CA 1 
ATOM 11  C CA . PHE A 1 11  ? -17.732 -40.181 45.177  1.00 0.00 ? 11  PHE A CA 1 
ATOM 12  C CA . PRO A 1 12  ? -15.217 -37.281 45.472  1.00 0.00 ? 12  PRO A CA 1 
ATOM 13  C CA . TYR A 1 13  ? -17.115 -34.178 46.469  1.00 0.00 ? 13  TYR A CA 1 
ATOM 14  C CA . ALA A 1 14  ? -20.591 -35.321 46.980  1.00 0.00 ? 14  ALA A CA 1 
ATOM 15  C CA . LYS A 1 15  ? -23.058 -36.618 49.537  1.00 0.00 ? 15  LYS A CA 1 
ATOM 16  C CA . PRO A 1 16  ? -25.678 -39.319 49.100  1.00 0.00 ? 16  PRO A CA 1 
ATOM 17  C CA . ILE A 1 17  ? -29.109 -39.202 50.630  1.00 0.00 ? 17  ILE A CA 1 
ATOM 18  C CA . ASN A 1 18  ? -30.521 -41.248 52.442  1.00 0.00 ? 18  ASN A CA 1 
ATOM 19  C CA . PRO A 1 19  ? -27.156 -42.932 53.326  1.00 0.00 ? 19  PRO A CA 1 
ATOM 20  C CA . THR A 1 20  ? -27.731 -46.446 54.587  1.00 0.00 ? 20  THR A CA 1 
ATOM 21  C CA . ASP A 1 21  ? -26.942 -49.542 56.192  1.00 0.00 ? 21  ASP A CA 1 
ATOM 22  C CA . GLU A 1 22  ? -28.088 -52.574 53.757  1.00 0.00 ? 22  GLU A CA 1 
ATOM 23  C CA . SER A 1 23  ? -31.928 -52.834 55.027  1.00 0.00 ? 23  SER A CA 1 
ATOM 24  C CA . THR A 1 24  ? -32.974 -49.227 54.012  1.00 0.00 ? 24  THR A CA 1 
ATOM 25  C CA . PHE A 1 25  ? -31.464 -50.678 50.802  1.00 0.00 ? 25  PHE A CA 1 
ATOM 26  C CA . PRO A 1 26  ? -34.394 -52.913 49.542  1.00 0.00 ? 26  PRO A CA 1 
ATOM 27  C CA . VAL A 1 27  ? -34.939 -53.160 45.802  1.00 0.00 ? 27  VAL A CA 1 
ATOM 28  C CA . GLY A 1 28  ? -36.956 -50.094 44.897  1.00 0.00 ? 28  GLY A CA 1 
ATOM 29  C CA . THR A 1 29  ? -35.577 -47.622 47.397  1.00 0.00 ? 29  THR A CA 1 
ATOM 30  C CA . SER A 1 30  ? -34.092 -44.485 46.039  1.00 0.00 ? 30  SER A CA 1 
ATOM 31  C CA . LEU A 1 31  ? -30.843 -42.585 46.730  1.00 0.00 ? 31  LEU A CA 1 
ATOM 32  C CA . LYS A 1 32  ? -29.674 -39.197 45.435  1.00 0.00 ? 32  LYS A CA 1 
ATOM 33  C CA . TYR A 1 33  ? -26.064 -38.007 44.855  1.00 0.00 ? 33  TYR A CA 1 
ATOM 34  C CA . GLU A 1 34  ? -25.419 -34.166 45.046  1.00 0.00 ? 34  GLU A CA 1 
ATOM 35  C CA . CYS A 1 35  ? -22.201 -32.272 44.809  1.00 0.00 ? 35  CYS A CA 1 
ATOM 36  C CA . ARG A 1 36  ? -21.059 -30.573 48.013  1.00 0.00 ? 36  ARG A CA 1 
ATOM 37  C CA . PRO A 1 37  ? -21.655 -26.810 48.197  1.00 0.00 ? 37  PRO A CA 1 
ATOM 38  C CA . GLY A 1 38  ? -18.940 -25.180 46.105  1.00 0.00 ? 38  GLY A CA 1 
ATOM 39  C CA . TYR A 1 39  ? -18.577 -28.005 43.616  1.00 0.00 ? 39  TYR A CA 1 
ATOM 40  C CA . ILE A 1 40  ? -20.464 -28.663 40.413  1.00 0.00 ? 40  ILE A CA 1 
ATOM 41  C CA . LYS A 1 41  ? -21.798 -31.131 37.956  1.00 0.00 ? 41  LYS A CA 1 
ATOM 42  C CA . ARG A 1 42  ? -24.973 -33.448 37.929  1.00 0.00 ? 42  ARG A CA 1 
ATOM 43  C CA . GLN A 1 43  ? -25.291 -36.320 40.536  1.00 0.00 ? 43  GLN A CA 1 
ATOM 44  C CA . PHE A 1 44  ? -26.296 -39.833 39.144  1.00 0.00 ? 44  PHE A CA 1 
ATOM 45  C CA . SER A 1 45  ? -27.208 -42.639 41.118  1.00 0.00 ? 45  SER A CA 1 
ATOM 46  C CA . ILE A 1 46  ? -28.665 -45.542 40.122  1.00 0.00 ? 46  ILE A CA 1 
ATOM 47  C CA . THR A 1 47  ? -32.146 -46.508 42.074  1.00 0.00 ? 47  THR A CA 1 
ATOM 48  C CA . CYS A 1 48  ? -31.830 -50.001 44.019  1.00 0.00 ? 48  CYS A CA 1 
ATOM 49  C CA . GLU A 1 49  ? -32.555 -52.715 41.474  1.00 0.00 ? 49  GLU A CA 1 
ATOM 50  C CA . VAL A 1 50  ? -33.729 -56.299 42.039  1.00 0.00 ? 50  VAL A CA 1 
ATOM 51  C CA . ASN A 1 51  ? -30.264 -57.634 41.295  1.00 0.00 ? 51  ASN A CA 1 
ATOM 52  C CA . SER A 1 52  ? -28.770 -55.753 44.235  1.00 0.00 ? 52  SER A CA 1 
ATOM 53  C CA . VAL A 1 53  ? -26.125 -53.982 42.070  1.00 0.00 ? 53  VAL A CA 1 
ATOM 54  C CA . TRP A 1 54  ? -25.995 -50.181 42.021  1.00 0.00 ? 54  TRP A CA 1 
ATOM 55  C CA . THR A 1 55  ? -25.553 -49.056 38.390  1.00 0.00 ? 55  THR A CA 1 
ATOM 56  C CA . SER A 1 56  ? -22.653 -47.107 36.871  1.00 0.00 ? 56  SER A CA 1 
ATOM 57  C CA . PRO A 1 57  ? -22.236 -43.595 38.341  1.00 0.00 ? 57  PRO A CA 1 
ATOM 58  C CA . GLN A 1 58  ? -21.012 -40.936 36.045  1.00 0.00 ? 58  GLN A CA 1 
ATOM 59  C CA . ASP A 1 59  ? -21.249 -38.035 38.525  1.00 0.00 ? 59  ASP A CA 1 
ATOM 60  C CA . VAL A 1 60  ? -18.007 -36.077 38.468  1.00 0.00 ? 60  VAL A CA 1 
ATOM 61  C CA . CYS A 1 61  ? -17.837 -33.121 40.898  1.00 0.00 ? 61  CYS A CA 1 
ATOM 62  C CA . ILE A 1 62  ? -13.774 -32.662 40.025  1.00 0.00 ? 62  ILE A CA 1 
ATOM 63  C CA . ARG A 1 63  ? -11.784 -31.073 36.852  1.00 0.00 ? 63  ARG A CA 1 
ATOM 64  C CA . LYS A 1 64  ? -8.151  -30.340 36.160  1.00 0.00 ? 64  LYS A CA 1 
ATOM 65  C CA . GLN A 1 65  ? -7.665  -28.568 32.803  1.00 0.00 ? 65  GLN A CA 1 
ATOM 66  C CA . CYS A 1 66  ? -4.705  -27.949 30.458  1.00 0.00 ? 66  CYS A CA 1 
ATOM 67  C CA . GLU A 1 67  ? -1.404  -26.743 31.841  1.00 0.00 ? 67  GLU A CA 1 
ATOM 68  C CA . THR A 1 68  ? 1.145   -24.465 30.257  1.00 0.00 ? 68  THR A CA 1 
ATOM 69  C CA . PRO A 1 69  ? 1.962   -25.800 26.758  1.00 0.00 ? 69  PRO A CA 1 
ATOM 70  C CA . LEU A 1 70  ? 5.462   -27.095 26.063  1.00 0.00 ? 70  LEU A CA 1 
ATOM 71  C CA . ASP A 1 71  ? 8.082   -24.885 24.606  1.00 0.00 ? 71  ASP A CA 1 
ATOM 72  C CA . PRO A 1 72  ? 9.220   -26.291 21.274  1.00 0.00 ? 72  PRO A CA 1 
ATOM 73  C CA . GLN A 1 73  ? 12.622  -25.348 19.738  1.00 0.00 ? 73  GLN A CA 1 
ATOM 74  C CA . ASN A 1 74  ? 12.102  -22.383 17.463  1.00 0.00 ? 74  ASN A CA 1 
ATOM 75  C CA . GLY A 1 75  ? 8.540   -21.491 17.877  1.00 0.00 ? 75  GLY A CA 1 
ATOM 76  C CA . ILE A 1 76  ? 6.113   -19.339 19.825  1.00 0.00 ? 76  ILE A CA 1 
ATOM 77  C CA . VAL A 1 77  ? 2.669   -20.264 21.098  1.00 0.00 ? 77  VAL A CA 1 
ATOM 78  C CA . HIS A 1 78  ? -0.273  -17.925 21.127  1.00 0.00 ? 78  HIS A CA 1 
ATOM 79  C CA . VAL A 1 79  ? -2.707  -19.153 23.648  1.00 0.00 ? 79  VAL A CA 1 
ATOM 80  C CA . ASN A 1 80  ? -6.193  -17.946 24.281  1.00 0.00 ? 80  ASN A CA 1 
ATOM 81  C CA . THR A 1 81  ? -7.147  -18.188 28.019  1.00 0.00 ? 81  THR A CA 1 
ATOM 82  C CA . ASP A 1 82  ? -10.833 -17.267 27.571  1.00 0.00 ? 82  ASP A CA 1 
ATOM 83  C CA . ILE A 1 83  ? -11.692 -20.985 27.458  1.00 0.00 ? 83  ILE A CA 1 
ATOM 84  C CA . ARG A 1 84  ? -9.362  -23.563 29.010  1.00 0.00 ? 84  ARG A CA 1 
ATOM 85  C CA . PHE A 1 85  ? -11.084 -26.977 27.953  1.00 0.00 ? 85  PHE A CA 1 
ATOM 86  C CA . GLY A 1 86  ? -12.151 -25.680 24.566  1.00 0.00 ? 86  GLY A CA 1 
ATOM 87  C CA . SER A 1 87  ? -9.676  -22.832 24.391  1.00 0.00 ? 87  SER A CA 1 
ATOM 88  C CA . SER A 1 88  ? -7.349  -22.783 21.480  1.00 0.00 ? 88  SER A CA 1 
ATOM 89  C CA . ILE A 1 89  ? -3.576  -22.253 21.121  1.00 0.00 ? 89  ILE A CA 1 
ATOM 90  C CA . THR A 1 90  ? -1.445  -21.928 17.979  1.00 0.00 ? 90  THR A CA 1 
ATOM 91  C CA . TYR A 1 91  ? 2.248   -22.892 17.520  1.00 0.00 ? 91  TYR A CA 1 
ATOM 92  C CA . THR A 1 92  ? 4.244   -20.981 14.770  1.00 0.00 ? 92  THR A CA 1 
ATOM 93  C CA . CYS A 1 93  ? 7.869   -21.193 13.868  1.00 0.00 ? 93  CYS A CA 1 
ATOM 94  C CA . ASN A 1 94  ? 9.937   -18.099 14.656  1.00 0.00 ? 94  ASN A CA 1 
ATOM 95  C CA . GLU A 1 95  ? 10.755  -15.853 11.683  1.00 0.00 ? 95  GLU A CA 1 
ATOM 96  C CA . GLY A 1 96  ? 13.588  -17.536 9.800   1.00 0.00 ? 96  GLY A CA 1 
ATOM 97  C CA . TYR A 1 97  ? 12.600  -21.088 10.648  1.00 0.00 ? 97  TYR A CA 1 
ATOM 98  C CA . ARG A 1 98  ? 10.216  -23.421 8.881   1.00 0.00 ? 98  ARG A CA 1 
ATOM 99  C CA . LEU A 1 99  ? 8.523   -26.684 9.662   1.00 0.00 ? 99  LEU A CA 1 
ATOM 100 C CA . ILE A 1 100 ? 6.759   -29.424 7.466   1.00 0.00 ? 100 ILE A CA 1 
ATOM 101 C CA . GLY A 1 101 ? 3.371   -29.343 9.812   1.00 0.00 ? 101 GLY A CA 1 
ATOM 102 C CA . SER A 1 102 ? 2.255   -26.657 12.463  1.00 0.00 ? 102 SER A CA 1 
ATOM 103 C CA . SER A 1 103 ? -0.451  -27.685 14.997  1.00 0.00 ? 103 SER A CA 1 
ATOM 104 C CA . SER A 1 104 ? -3.376  -25.515 16.264  1.00 0.00 ? 104 SER A CA 1 
ATOM 105 C CA . ALA A 1 105 ? -4.724  -27.370 19.365  1.00 0.00 ? 105 ALA A CA 1 
ATOM 106 C CA . MET A 1 106 ? -7.909  -27.158 21.414  1.00 0.00 ? 106 MET A CA 1 
ATOM 107 C CA . CYS A 1 107 ? -7.484  -27.909 25.131  1.00 0.00 ? 107 CYS A CA 1 
ATOM 108 C CA . ILE A 1 108 ? -9.446  -31.114 25.615  1.00 0.00 ? 108 ILE A CA 1 
ATOM 109 C CA . ILE A 1 109 ? -11.744 -32.126 28.484  1.00 0.00 ? 109 ILE A CA 1 
ATOM 110 C CA . SER A 1 110 ? -8.970  -32.133 31.601  1.00 0.00 ? 110 SER A CA 1 
ATOM 111 C CA . ASP A 1 111 ? -11.760 -32.906 34.473  1.00 0.00 ? 111 ASP A CA 1 
ATOM 112 C CA . GLN A 1 112 ? -11.156 -36.286 32.712  1.00 0.00 ? 112 GLN A CA 1 
ATOM 113 C CA . SER A 1 113 ? -7.437  -35.695 33.028  1.00 0.00 ? 113 SER A CA 1 
ATOM 114 C CA . VAL A 1 114 ? -6.809  -35.343 29.242  1.00 0.00 ? 114 VAL A CA 1 
ATOM 115 C CA . ALA A 1 115 ? -3.460  -33.657 28.498  1.00 0.00 ? 115 ALA A CA 1 
ATOM 116 C CA . TRP A 1 116 ? -2.401  -31.392 25.419  1.00 0.00 ? 116 TRP A CA 1 
ATOM 117 C CA . ASP A 1 117 ? -2.046  -33.876 22.529  1.00 0.00 ? 117 ASP A CA 1 
ATOM 118 C CA . ALA A 1 118 ? 1.146   -34.993 20.769  1.00 0.00 ? 118 ALA A CA 1 
ATOM 119 C CA . GLU A 1 119 ? 2.972   -32.150 18.967  1.00 0.00 ? 119 GLU A CA 1 
ATOM 120 C CA . ALA A 1 120 ? 4.769   -33.016 15.827  1.00 0.00 ? 120 ALA A CA 1 
ATOM 121 C CA . PRO A 1 121 ? 5.897   -29.472 14.944  1.00 0.00 ? 121 PRO A CA 1 
ATOM 122 C CA . ILE A 1 122 ? 9.615   -29.494 14.106  1.00 0.00 ? 122 ILE A CA 1 
ATOM 123 C CA . CYS A 1 123 ? 11.100  -26.088 13.217  1.00 0.00 ? 123 CYS A CA 1 
ATOM 124 C CA . GLU A 1 124 ? 14.074  -23.808 12.065  1.00 0.00 ? 124 GLU A CA 1 
ATOM 125 C CA . SER A 1 125 ? 14.774  -20.048 10.964  1.00 0.00 ? 125 SER A CA 1 
ATOM 126 C CA . ILE A 1 126 ? 15.378  -18.577 7.434   1.00 0.00 ? 126 ILE A CA 1 
ATOM 127 C CA . PRO A 1 127 ? 18.791  -16.846 6.174   1.00 0.00 ? 127 PRO A CA 1 
ATOM 128 C CA . CYS A 1 128 ? 18.860  -13.667 3.989   1.00 0.00 ? 128 CYS A CA 1 
ATOM 129 C CA . GLU A 1 129 ? 16.778  -12.431 0.934   1.00 0.00 ? 129 GLU A CA 1 
ATOM 130 C CA . ILE A 1 130 ? 17.691  -9.929  -1.946  1.00 0.00 ? 130 ILE A CA 1 
ATOM 131 C CA . PRO A 1 131 ? 19.461  -6.676  -0.547  1.00 0.00 ? 131 PRO A CA 1 
ATOM 132 C CA . PRO A 1 132 ? 17.414  -3.322  -0.433  1.00 0.00 ? 132 PRO A CA 1 
ATOM 133 C CA . SER A 1 133 ? 17.312  -1.759  -3.955  1.00 0.00 ? 133 SER A CA 1 
ATOM 134 C CA . ILE A 1 134 ? 14.944  1.345   -4.018  1.00 0.00 ? 134 ILE A CA 1 
ATOM 135 C CA . PRO A 1 135 ? 17.043  4.355   -3.842  1.00 0.00 ? 135 PRO A CA 1 
ATOM 136 C CA . ASN A 1 136 ? 20.172  2.213   -4.264  1.00 0.00 ? 136 ASN A CA 1 
ATOM 137 C CA . GLY A 1 137 ? 22.446  2.787   -7.341  1.00 0.00 ? 137 GLY A CA 1 
ATOM 138 C CA . ASP A 1 138 ? 23.199  -0.744  -8.817  1.00 0.00 ? 138 ASP A CA 1 
ATOM 139 C CA . PHE A 1 139 ? 23.512  -4.513  -8.053  1.00 0.00 ? 139 PHE A CA 1 
ATOM 140 C CA . PHE A 1 140 ? 26.894  -6.420  -8.689  1.00 0.00 ? 140 PHE A CA 1 
ATOM 141 C CA . SER A 1 141 ? 29.584  -8.444  -6.562  1.00 0.00 ? 141 SER A CA 1 
ATOM 142 C CA . PRO A 1 142 ? 29.264  -12.406 -5.760  1.00 0.00 ? 142 PRO A CA 1 
ATOM 143 C CA . ASN A 1 143 ? 25.478  -11.937 -4.930  1.00 0.00 ? 143 ASN A CA 1 
ATOM 144 C CA . ARG A 1 144 ? 23.114  -12.998 -7.843  1.00 0.00 ? 144 ARG A CA 1 
ATOM 145 C CA . GLU A 1 145 ? 20.290  -15.482 -6.754  1.00 0.00 ? 145 GLU A CA 1 
ATOM 146 C CA . ASP A 1 146 ? 21.705  -18.115 -4.186  1.00 0.00 ? 146 ASP A CA 1 
ATOM 147 C CA . PHE A 1 147 ? 21.386  -15.761 -1.066  1.00 0.00 ? 147 PHE A CA 1 
ATOM 148 C CA . HIS A 1 148 ? 22.395  -17.502 2.294   1.00 0.00 ? 148 HIS A CA 1 
ATOM 149 C CA . TYR A 1 149 ? 24.423  -15.351 4.911   1.00 0.00 ? 149 TYR A CA 1 
ATOM 150 C CA . GLY A 1 150 ? 27.626  -13.072 5.017   1.00 0.00 ? 150 GLY A CA 1 
ATOM 151 C CA . MET A 1 151 ? 27.576  -12.408 1.180   1.00 0.00 ? 151 MET A CA 1 
ATOM 152 C CA . VAL A 1 152 ? 28.785  -8.790  0.373   1.00 0.00 ? 152 VAL A CA 1 
ATOM 153 C CA . VAL A 1 153 ? 26.960  -6.624  -2.294  1.00 0.00 ? 153 VAL A CA 1 
ATOM 154 C CA . THR A 1 154 ? 28.634  -3.442  -3.741  1.00 0.00 ? 154 THR A CA 1 
ATOM 155 C CA . TYR A 1 155 ? 26.392  -0.666  -5.398  1.00 0.00 ? 155 TYR A CA 1 
ATOM 156 C CA . GLN A 1 156 ? 26.897  2.020   -8.296  1.00 0.00 ? 156 GLN A CA 1 
ATOM 157 C CA . CYS A 1 157 ? 24.305  4.033   -10.549 1.00 0.00 ? 157 CYS A CA 1 
ATOM 158 C CA . ASN A 1 158 ? 21.333  4.395   -12.994 1.00 0.00 ? 158 ASN A CA 1 
ATOM 159 C CA . THR A 1 159 ? 21.853  7.120   -15.745 1.00 0.00 ? 159 THR A CA 1 
ATOM 160 C CA . ASP A 1 160 ? 19.535  7.967   -18.738 1.00 0.00 ? 160 ASP A CA 1 
ATOM 161 C CA . ALA A 1 161 ? 21.209  7.519   -22.271 1.00 0.00 ? 161 ALA A CA 1 
ATOM 162 C CA . ARG A 1 162 ? 21.495  11.404  -22.378 1.00 0.00 ? 162 ARG A CA 1 
ATOM 163 C CA . GLY A 1 163 ? 24.415  11.011  -19.707 1.00 0.00 ? 163 GLY A CA 1 
ATOM 164 C CA . LYS A 1 164 ? 22.596  12.622  -16.665 1.00 0.00 ? 164 LYS A CA 1 
ATOM 165 C CA . LYS A 1 165 ? 22.028  10.617  -13.387 1.00 0.00 ? 165 LYS A CA 1 
ATOM 166 C CA . LEU A 1 166 ? 18.637  9.904   -11.845 1.00 0.00 ? 166 LEU A CA 1 
ATOM 167 C CA . PHE A 1 167 ? 20.082  7.685   -8.989  1.00 0.00 ? 167 PHE A CA 1 
ATOM 168 C CA . ASN A 1 168 ? 23.713  6.791   -7.641  1.00 0.00 ? 168 ASN A CA 1 
ATOM 169 C CA . LEU A 1 169 ? 24.885  6.057   -4.159  1.00 0.00 ? 169 LEU A CA 1 
ATOM 170 C CA . VAL A 1 170 ? 26.758  8.466   -1.831  1.00 0.00 ? 170 VAL A CA 1 
ATOM 171 C CA . GLY A 1 171 ? 27.246  6.770   1.659   1.00 0.00 ? 171 GLY A CA 1 
ATOM 172 C CA . GLU A 1 172 ? 27.963  3.014   2.341   1.00 0.00 ? 172 GLU A CA 1 
ATOM 173 C CA . PRO A 1 173 ? 29.327  1.737   -1.205  1.00 0.00 ? 173 PRO A CA 1 
ATOM 174 C CA . SER A 1 174 ? 29.019  -1.952  0.062   1.00 0.00 ? 174 SER A CA 1 
ATOM 175 C CA . ILE A 1 175 ? 26.595  -3.870  2.460   1.00 0.00 ? 175 ILE A CA 1 
ATOM 176 C CA . HIS A 1 176 ? 26.487  -7.557  3.754   1.00 0.00 ? 176 HIS A CA 1 
ATOM 177 C CA . CYS A 1 177 ? 23.889  -10.157 4.999   1.00 0.00 ? 177 CYS A CA 1 
ATOM 178 C CA . THR A 1 178 ? 23.519  -9.986  8.873   1.00 0.00 ? 178 THR A CA 1 
ATOM 179 C CA . SER A 1 179 ? 20.968  -10.948 11.681  1.00 0.00 ? 179 SER A CA 1 
ATOM 180 C CA . ILE A 1 180 ? 19.068  -8.631  14.221  1.00 0.00 ? 180 ILE A CA 1 
ATOM 181 C CA . ASP A 1 181 ? 15.547  -10.412 14.614  1.00 0.00 ? 181 ASP A CA 1 
ATOM 182 C CA . GLY A 1 182 ? 16.013  -14.270 13.802  1.00 0.00 ? 182 GLY A CA 1 
ATOM 183 C CA . GLN A 1 183 ? 13.026  -14.460 11.349  1.00 0.00 ? 183 GLN A CA 1 
ATOM 184 C CA . VAL A 1 184 ? 13.716  -11.033 9.544   1.00 0.00 ? 184 VAL A CA 1 
ATOM 185 C CA . GLY A 1 185 ? 17.613  -11.157 9.504   1.00 0.00 ? 185 GLY A CA 1 
ATOM 186 C CA . VAL A 1 186 ? 18.584  -7.668  8.178   1.00 0.00 ? 186 VAL A CA 1 
ATOM 187 C CA . TRP A 1 187 ? 21.052  -6.349  5.646   1.00 0.00 ? 187 TRP A CA 1 
ATOM 188 C CA . SER A 1 188 ? 23.128  -3.439  7.291   1.00 0.00 ? 188 SER A CA 1 
ATOM 189 C CA . GLY A 1 189 ? 20.662  -1.019  5.614   1.00 0.00 ? 189 GLY A CA 1 
ATOM 190 C CA . PRO A 1 190 ? 19.571  1.272   2.697   1.00 0.00 ? 190 PRO A CA 1 
ATOM 191 C CA . PRO A 1 191 ? 21.779  4.472   3.539   1.00 0.00 ? 191 PRO A CA 1 
ATOM 192 C CA . PRO A 1 192 ? 22.943  4.216   -0.232  1.00 0.00 ? 192 PRO A CA 1 
ATOM 193 C CA . GLN A 1 193 ? 21.316  7.436   -1.626  1.00 0.00 ? 193 GLN A CA 1 
ATOM 194 C CA . CYS A 1 194 ? 21.512  9.319   -4.836  1.00 0.00 ? 194 CYS A CA 1 
ATOM 195 C CA . ILE A 1 195 ? 20.288  12.415  -6.375  1.00 0.00 ? 195 ILE A CA 1 
ATOM 196 C CA . GLU A 1 196 ? 16.599  13.037  -7.775  1.00 0.00 ? 196 GLU A CA 1 
ATOM 197 C CA . LEU A 1 197 ? 14.411  15.684  -9.535  1.00 0.00 ? 197 LEU A CA 1 
ATOM 198 C CA . ASN A 1 198 ? 11.341  14.910  -11.810 1.00 0.00 ? 198 ASN A CA 1 
ATOM 199 C CA . LYS A 1 199 ? 8.714   17.544  -12.976 1.00 0.00 ? 199 LYS A CA 1 
ATOM 200 C CA . CYS A 1 200 ? 7.191   20.082  -15.581 1.00 0.00 ? 200 CYS A CA 1 
ATOM 201 C CA . THR A 1 201 ? 7.542   23.582  -16.897 1.00 0.00 ? 201 THR A CA 1 
ATOM 202 C CA . PRO A 1 202 ? 4.208   25.456  -15.989 1.00 0.00 ? 202 PRO A CA 1 
ATOM 203 C CA . PRO A 1 203 ? 0.653   25.056  -17.784 1.00 0.00 ? 203 PRO A CA 1 
ATOM 204 C CA . HIS A 1 204 ? 0.639   28.839  -18.561 1.00 0.00 ? 204 HIS A CA 1 
ATOM 205 C CA . VAL A 1 205 ? -1.621  30.351  -21.258 1.00 0.00 ? 205 VAL A CA 1 
ATOM 206 C CA . GLU A 1 206 ? -2.630  33.755  -22.774 1.00 0.00 ? 206 GLU A CA 1 
ATOM 207 C CA . ASN A 1 207 ? -5.378  34.959  -20.200 1.00 0.00 ? 207 ASN A CA 1 
ATOM 208 C CA . ALA A 1 208 ? -6.894  31.388  -19.881 1.00 0.00 ? 208 ALA A CA 1 
ATOM 209 C CA . VAL A 1 209 ? -4.991  29.651  -16.920 1.00 0.00 ? 209 VAL A CA 1 
ATOM 210 C CA . ILE A 1 210 ? -6.090  26.377  -15.211 1.00 0.00 ? 210 ILE A CA 1 
ATOM 211 C CA . VAL A 1 211 ? -8.313  26.212  -12.073 1.00 0.00 ? 211 VAL A CA 1 
ATOM 212 C CA . SER A 1 212 ? -8.650  22.317  -11.434 1.00 0.00 ? 212 SER A CA 1 
ATOM 213 C CA . LYS A 1 213 ? -5.345  20.448  -10.508 1.00 0.00 ? 213 LYS A CA 1 
ATOM 214 C CA . ASN A 1 214 ? -2.536  23.112  -10.853 1.00 0.00 ? 214 ASN A CA 1 
ATOM 215 C CA . LYS A 1 215 ? 0.753   22.849  -8.867  1.00 0.00 ? 215 LYS A CA 1 
ATOM 216 C CA . SER A 1 216 ? 4.280   24.468  -8.658  1.00 0.00 ? 216 SER A CA 1 
ATOM 217 C CA . LEU A 1 217 ? 5.604   21.177  -10.264 1.00 0.00 ? 217 LEU A CA 1 
ATOM 218 C CA . PHE A 1 218 ? 3.897   18.211  -12.054 1.00 0.00 ? 218 PHE A CA 1 
ATOM 219 C CA . SER A 1 219 ? 5.739   14.845  -11.538 1.00 0.00 ? 219 SER A CA 1 
ATOM 220 C CA . LEU A 1 220 ? 3.604   12.126  -13.286 1.00 0.00 ? 220 LEU A CA 1 
ATOM 221 C CA . ARG A 1 221 ? 0.979   11.797  -16.137 1.00 0.00 ? 221 ARG A CA 1 
ATOM 222 C CA . ASP A 1 222 ? -1.658  14.229  -14.620 1.00 0.00 ? 222 ASP A CA 1 
ATOM 223 C CA . MET A 1 223 ? -4.731  16.350  -15.650 1.00 0.00 ? 223 MET A CA 1 
ATOM 224 C CA . VAL A 1 224 ? -5.135  20.195  -15.628 1.00 0.00 ? 224 VAL A CA 1 
ATOM 225 C CA . GLU A 1 225 ? -8.468  21.956  -16.811 1.00 0.00 ? 225 GLU A CA 1 
ATOM 226 C CA . PHE A 1 226 ? -8.199  25.513  -18.406 1.00 0.00 ? 226 PHE A CA 1 
ATOM 227 C CA . ARG A 1 227 ? -10.559 28.467  -17.499 1.00 0.00 ? 227 ARG A CA 1 
ATOM 228 C CA . CYS A 1 228 ? -10.787 31.532  -19.910 1.00 0.00 ? 228 CYS A CA 1 
ATOM 229 C CA . GLN A 1 229 ? -10.443 34.951  -18.023 1.00 0.00 ? 229 GLN A CA 1 
ATOM 230 C CA . ASP A 1 230 ? -13.775 36.618  -19.213 1.00 0.00 ? 230 ASP A CA 1 
ATOM 231 C CA . GLY A 1 231 ? -15.355 36.609  -22.801 1.00 0.00 ? 231 GLY A CA 1 
ATOM 232 C CA . PHE A 1 232 ? -12.750 34.463  -24.696 1.00 0.00 ? 232 PHE A CA 1 
ATOM 233 C CA . MET A 1 233 ? -12.309 30.971  -26.445 1.00 0.00 ? 233 MET A CA 1 
ATOM 234 C CA . MET A 1 234 ? -9.458  28.383  -25.742 1.00 0.00 ? 234 MET A CA 1 
ATOM 235 C CA . LYS A 1 235 ? -7.568  28.033  -29.162 1.00 0.00 ? 235 LYS A CA 1 
ATOM 236 C CA . GLY A 1 236 ? -5.884  24.534  -28.777 1.00 0.00 ? 236 GLY A CA 1 
ATOM 237 C CA . ASP A 1 237 ? -7.439  22.532  -25.868 1.00 0.00 ? 237 ASP A CA 1 
ATOM 238 C CA . SER A 1 238 ? -9.469  23.369  -22.652 1.00 0.00 ? 238 SER A CA 1 
ATOM 239 C CA . SER A 1 239 ? -8.121  20.110  -20.918 1.00 0.00 ? 239 SER A CA 1 
ATOM 240 C CA . VAL A 1 240 ? -4.238  19.443  -20.968 1.00 0.00 ? 240 VAL A CA 1 
ATOM 241 C CA . TYR A 1 241 ? -1.625  17.174  -19.114 1.00 0.00 ? 241 TYR A CA 1 
ATOM 242 C CA . CYS A 1 242 ? 2.209   16.845  -18.027 1.00 0.00 ? 242 CYS A CA 1 
ATOM 243 C CA . ARG A 1 243 ? 4.101   13.868  -19.801 1.00 0.00 ? 243 ARG A CA 1 
ATOM 244 C CA . SER A 1 244 ? 7.489   13.112  -21.211 1.00 0.00 ? 244 SER A CA 1 
ATOM 245 C CA . LEU A 1 245 ? 10.253  15.905  -20.850 1.00 0.00 ? 245 LEU A CA 1 
ATOM 246 C CA . ASN A 1 246 ? 8.422   18.345  -18.446 1.00 0.00 ? 246 ASN A CA 1 
ATOM 247 C CA . ARG A 1 247 ? 6.010   19.993  -21.083 1.00 0.00 ? 247 ARG A CA 1 
ATOM 248 C CA . TRP A 1 248 ? 2.168   20.280  -21.838 1.00 0.00 ? 248 TRP A CA 1 
ATOM 249 C CA . GLU A 1 249 ? -0.092  18.126  -24.177 1.00 0.00 ? 249 GLU A CA 1 
ATOM 250 C CA . PRO A 1 250 ? -2.194  18.716  -26.290 1.00 0.00 ? 250 PRO A CA 1 
ATOM 251 C CA . GLN A 1 251 ? -0.581  22.180  -27.111 1.00 0.00 ? 251 GLN A CA 1 
ATOM 252 C CA . LEU A 1 252 ? -1.410  24.974  -24.490 1.00 0.00 ? 252 LEU A CA 1 
ATOM 253 C CA . PRO A 1 253 ? -4.748  26.952  -25.321 1.00 0.00 ? 253 PRO A CA 1 
ATOM 254 C CA . SER A 1 254 ? -5.153  30.611  -26.278 1.00 0.00 ? 254 SER A CA 1 
ATOM 255 C CA . CYS A 1 255 ? -7.762  32.813  -25.042 1.00 0.00 ? 255 CYS A CA 1 
ATOM 256 C CA . PHE A 1 256 ? -6.234  35.508  -27.319 1.00 0.00 ? 256 PHE A CA 1 
ATOM 257 C CA . LYS A 1 257 ? -5.956  36.989  -30.901 1.00 0.00 ? 257 LYS A CA 1 
ATOM 258 C CA . VAL A 1 258 ? -2.611  37.459  -32.835 1.00 0.00 ? 258 VAL A CA 1 
ATOM 259 C CA . LYS A 1 259 ? -1.029  38.290  -36.287 1.00 0.00 ? 259 LYS A CA 1 
ATOM 260 C CA . SER A 1 260 ? -2.000  39.890  -39.643 1.00 0.00 ? 260 SER A CA 1 
ATOM 261 C CA . CYS A 1 261 ? 1.069   41.017  -42.040 1.00 0.00 ? 261 CYS A CA 1 
ATOM 262 C CA . GLY A 1 262 ? 1.207   41.256  -39.312 1.00 0.00 ? 262 GLY A CA 1 
ATOM 263 C CA . ALA A 1 263 ? 6.667   42.911  -39.610 1.00 0.00 ? 263 ALA A CA 1 
ATOM 264 C CA . PHE A 1 264 ? 8.253   44.558  -36.475 1.00 0.00 ? 264 PHE A CA 1 
ATOM 265 C CA . LEU A 1 265 ? 11.173  45.179  -38.625 1.00 0.00 ? 265 LEU A CA 1 
ATOM 266 C CA . GLY A 1 266 ? 9.596   48.067  -40.491 1.00 0.00 ? 266 GLY A CA 1 
ATOM 267 C CA . GLU A 1 267 ? 11.682  50.273  -42.623 1.00 0.00 ? 267 GLU A CA 1 
ATOM 268 C CA . LEU A 1 268 ? 10.452  53.088  -44.404 1.00 0.00 ? 268 LEU A CA 1 
ATOM 269 C CA . PRO A 1 269 ? 14.047  54.171  -45.039 1.00 0.00 ? 269 PRO A CA 1 
ATOM 270 C CA . ASN A 1 270 ? 14.050  57.972  -45.541 1.00 0.00 ? 270 ASN A CA 1 
ATOM 271 C CA . GLY A 1 271 ? 10.429  58.291  -44.827 1.00 0.00 ? 271 GLY A CA 1 
ATOM 272 C CA . HIS A 1 272 ? 7.610   57.704  -42.506 1.00 0.00 ? 272 HIS A CA 1 
ATOM 273 C CA . VAL A 1 273 ? 4.921   55.009  -42.256 1.00 0.00 ? 273 VAL A CA 1 
ATOM 274 C CA . PHE A 1 274 ? 1.500   55.810  -40.686 1.00 0.00 ? 274 PHE A CA 1 
ATOM 275 C CA . VAL A 1 275 ? -0.126  52.805  -38.950 1.00 0.00 ? 275 VAL A CA 1 
ATOM 276 C CA . PRO A 1 276 ? -1.974  51.344  -35.990 1.00 0.00 ? 276 PRO A CA 1 
ATOM 277 C CA . GLN A 1 277 ? 0.192   48.069  -35.339 1.00 0.00 ? 277 GLN A CA 1 
ATOM 278 C CA . ASN A 1 278 ? 2.826   45.827  -36.917 1.00 0.00 ? 278 ASN A CA 1 
ATOM 279 C CA . LEU A 1 279 ? 0.357   43.331  -38.129 1.00 0.00 ? 279 LEU A CA 1 
ATOM 280 C CA . GLN A 1 280 ? -3.408  43.013  -38.801 1.00 0.00 ? 280 GLN A CA 1 
ATOM 281 C CA . LEU A 1 281 ? -6.285  42.139  -40.741 1.00 0.00 ? 281 LEU A CA 1 
ATOM 282 C CA . GLY A 1 282 ? -7.742  44.302  -42.670 1.00 0.00 ? 282 GLY A CA 1 
ATOM 283 C CA . ALA A 1 283 ? -5.795  47.464  -41.834 1.00 0.00 ? 283 ALA A CA 1 
ATOM 284 C CA . LYS A 1 284 ? -4.228  49.985  -44.171 1.00 0.00 ? 284 LYS A CA 1 
ATOM 285 C CA . VAL A 1 285 ? -0.866  51.610  -43.776 1.00 0.00 ? 285 VAL A CA 1 
ATOM 286 C CA . THR A 1 286 ? 0.239   54.803  -45.593 1.00 0.00 ? 286 THR A CA 1 
ATOM 287 C CA . PHE A 1 287 ? 3.683   56.062  -46.625 1.00 0.00 ? 287 PHE A CA 1 
ATOM 288 C CA . VAL A 1 288 ? 5.506   59.309  -47.301 1.00 0.00 ? 288 VAL A CA 1 
ATOM 289 C CA . CYS A 1 289 ? 9.072   60.428  -47.827 1.00 0.00 ? 289 CYS A CA 1 
ATOM 290 C CA . ASN A 1 290 ? 11.439  62.821  -46.171 1.00 0.00 ? 290 ASN A CA 1 
ATOM 291 C CA . THR A 1 291 ? 12.404  66.087  -47.867 1.00 0.00 ? 291 THR A CA 1 
ATOM 292 C CA . GLY A 1 292 ? 14.614  65.262  -50.819 1.00 0.00 ? 292 GLY A CA 1 
ATOM 293 C CA . TYR A 1 293 ? 13.148  61.840  -51.554 1.00 0.00 ? 293 TYR A CA 1 
ATOM 294 C CA . GLN A 1 294 ? 10.202  60.590  -53.588 1.00 0.00 ? 294 GLN A CA 1 
ATOM 295 C CA . LEU A 1 295 ? 8.019   57.547  -53.016 1.00 0.00 ? 295 LEU A CA 1 
ATOM 296 C CA . LYS A 1 296 ? 8.884   54.851  -55.464 1.00 0.00 ? 296 LYS A CA 1 
ATOM 297 C CA . GLY A 1 297 ? 5.664   52.827  -55.320 1.00 0.00 ? 297 GLY A CA 1 
ATOM 298 C CA . ASN A 1 298 ? 2.098   53.136  -53.926 1.00 0.00 ? 298 ASN A CA 1 
ATOM 299 C CA . SER A 1 299 ? 1.532   55.411  -51.040 1.00 0.00 ? 299 SER A CA 1 
ATOM 300 C CA . SER A 1 300 ? -0.819  53.133  -49.240 1.00 0.00 ? 300 SER A CA 1 
ATOM 301 C CA . SER A 1 301 ? -1.142  49.404  -48.700 1.00 0.00 ? 301 SER A CA 1 
ATOM 302 C CA . HIS A 1 302 ? -3.676  47.055  -47.129 1.00 0.00 ? 302 HIS A CA 1 
ATOM 303 C CA . CYS A 1 303 ? -3.153  43.869  -45.188 1.00 0.00 ? 303 CYS A CA 1 
ATOM 304 C CA . VAL A 1 304 ? -5.104  41.175  -47.158 1.00 0.00 ? 304 VAL A CA 1 
ATOM 305 C CA . LEU A 1 305 ? -7.308  38.189  -46.154 1.00 0.00 ? 305 LEU A CA 1 
ATOM 306 C CA . ASP A 1 306 ? -5.989  34.978  -44.522 1.00 0.00 ? 306 ASP A CA 1 
ATOM 307 C CA . GLY A 1 307 ? -6.824  33.311  -47.869 1.00 0.00 ? 307 GLY A CA 1 
ATOM 308 C CA . VAL A 1 308 ? -4.233  35.479  -49.698 1.00 0.00 ? 308 VAL A CA 1 
ATOM 309 C CA . GLU A 1 309 ? -1.739  34.720  -46.984 1.00 0.00 ? 309 GLU A CA 1 
ATOM 310 C CA . SER A 1 310 ? -2.231  38.009  -45.058 1.00 0.00 ? 310 SER A CA 1 
ATOM 311 C CA . ILE A 1 311 ? 0.299   39.862  -47.614 1.00 0.00 ? 311 ILE A CA 1 
ATOM 312 C CA . TRP A 1 312 ? 0.637   43.575  -48.259 1.00 0.00 ? 312 TRP A CA 1 
ATOM 313 C CA . ASN A 1 313 ? -1.205  44.866  -51.273 1.00 0.00 ? 313 ASN A CA 1 
ATOM 314 C CA . SER A 1 314 ? 0.116   46.615  -53.244 1.00 0.00 ? 314 SER A CA 1 
ATOM 315 C CA . SER A 1 315 ? 3.717   45.749  -52.440 1.00 0.00 ? 315 SER A CA 1 
ATOM 316 C CA . VAL A 1 316 ? 5.489   48.093  -50.039 1.00 0.00 ? 316 VAL A CA 1 
ATOM 317 C CA . PRO A 1 317 ? 7.352   51.096  -51.628 1.00 0.00 ? 317 PRO A CA 1 
ATOM 318 C CA . VAL A 1 318 ? 10.851  52.516  -51.035 1.00 0.00 ? 318 VAL A CA 1 
ATOM 319 C CA . CYS A 1 319 ? 12.012  56.097  -50.846 1.00 0.00 ? 319 CYS A CA 1 
ATOM 320 C CA . GLU A 1 320 ? 14.828  57.835  -52.690 1.00 0.00 ? 320 GLU A CA 1 
# 
